data_6O2Z
#
_entry.id   6O2Z
#
_cell.length_a   82.344
_cell.length_b   82.344
_cell.length_c   303.740
_cell.angle_alpha   90.00
_cell.angle_beta   90.00
_cell.angle_gamma   90.00
#
_symmetry.space_group_name_H-M   'P 43 21 2'
#
loop_
_entity.id
_entity.type
_entity.pdbx_description
1 polymer 'Isocitrate dehydrogenase [NADP] cytoplasmic'
2 non-polymer 6-{[(6-chloro-2-oxo-1,2-dihydroquinolin-3-yl)methyl]amino}-2-methylpyridine-3-carbonitrile
3 non-polymer 'NADP NICOTINAMIDE-ADENINE-DINUCLEOTIDE PHOSPHATE'
4 non-polymer GLYCEROL
5 water water
#
_entity_poly.entity_id   1
_entity_poly.type   'polypeptide(L)'
_entity_poly.pdbx_seq_one_letter_code
;MSKKISGGSVVEMQGDEMTRIIWELIKEKLIFPYVELDLHSYDLGIENRDATNDQVTKDAAEAIKKHNVGVKCATITPDE
KRVEEFKLKQMWKSPNGTIRNILGGTVFREAIICKNIPRLVSGWVKPIIIGHHAYGDQYRATDFVVPGPGKVEITYTPSD
GTQKVTYLVHNFEEGGGVAMGMYNQDKSIEDFAHSSFQMALSKGWPLYLSTKNTILKKYDGRFKDIFQEIYDKQYKSQFE
AQKIWYEHRLIDDMVAQAMKSEGGFIWACKNYDGDVQSDSVAQGYGSLGMMTSVLVCPDGKTVEAEAAHGTVTRHYRMYQ
KGQETSTNPIASIFAWTRGLAHRAKLDNNKELAFFANALEEVSIETIEAGFMTKDLAACIKGLPNVQRSDYLNTFEFMDK
LGENLKIKLAQAKLSLEHHHHHHHH
;
_entity_poly.pdbx_strand_id   A,B
#
# COMPACT_ATOMS: atom_id res chain seq x y z
N LYS A 3 -13.01 46.09 7.91
CA LYS A 3 -13.65 45.04 8.76
C LYS A 3 -13.10 43.66 8.36
N LYS A 4 -12.67 42.87 9.35
CA LYS A 4 -12.29 41.45 9.19
C LYS A 4 -13.53 40.57 9.38
N ILE A 5 -13.44 39.28 9.07
CA ILE A 5 -14.53 38.30 9.29
C ILE A 5 -14.50 37.89 10.77
N SER A 6 -15.67 37.79 11.40
CA SER A 6 -15.89 37.16 12.73
C SER A 6 -15.84 35.66 12.54
N GLY A 7 -14.79 34.99 13.02
CA GLY A 7 -14.57 33.54 12.80
C GLY A 7 -15.19 32.70 13.90
N GLY A 8 -15.31 33.23 15.11
CA GLY A 8 -15.82 32.45 16.27
C GLY A 8 -14.74 31.61 16.93
N SER A 9 -15.15 30.47 17.49
CA SER A 9 -14.37 29.66 18.47
C SER A 9 -13.47 28.65 17.75
N VAL A 10 -12.16 28.77 17.91
CA VAL A 10 -11.21 27.80 17.33
C VAL A 10 -10.17 27.45 18.39
N VAL A 11 -9.91 26.16 18.58
CA VAL A 11 -8.77 25.70 19.41
C VAL A 11 -7.60 25.54 18.46
N GLU A 12 -6.46 26.13 18.83
CA GLU A 12 -5.21 26.18 18.03
C GLU A 12 -4.11 25.60 18.91
N MET A 13 -3.33 24.64 18.39
CA MET A 13 -2.20 24.04 19.15
C MET A 13 -0.89 24.33 18.42
N GLN A 14 -0.02 25.14 19.04
CA GLN A 14 1.38 25.38 18.60
C GLN A 14 2.18 24.09 18.84
N GLY A 15 3.18 23.86 18.00
CA GLY A 15 3.99 22.62 18.01
C GLY A 15 5.44 23.00 17.91
N ASP A 16 6.25 22.22 17.18
CA ASP A 16 7.73 22.26 17.31
C ASP A 16 8.45 22.53 15.98
N GLU A 17 9.66 23.06 16.11
CA GLU A 17 10.71 23.01 15.07
C GLU A 17 10.21 23.75 13.82
N MET A 18 10.35 23.19 12.62
CA MET A 18 10.06 23.93 11.37
C MET A 18 8.57 24.24 11.27
N THR A 19 7.70 23.30 11.64
CA THR A 19 6.23 23.49 11.56
C THR A 19 5.81 24.64 12.49
N ARG A 20 6.39 24.75 13.68
CA ARG A 20 6.15 25.93 14.55
C ARG A 20 6.44 27.21 13.78
N ILE A 21 7.57 27.30 13.07
CA ILE A 21 7.97 28.52 12.30
C ILE A 21 6.86 28.82 11.27
N ILE A 22 6.54 27.84 10.43
CA ILE A 22 5.60 28.00 9.28
C ILE A 22 4.23 28.46 9.81
N TRP A 23 3.78 27.80 10.88
CA TRP A 23 2.51 28.05 11.58
C TRP A 23 2.31 29.53 11.89
N GLU A 24 3.30 30.16 12.51
CA GLU A 24 3.27 31.62 12.85
C GLU A 24 3.16 32.44 11.55
N LEU A 25 3.93 32.13 10.51
CA LEU A 25 3.78 32.75 9.16
C LEU A 25 2.33 32.63 8.64
N ILE A 26 1.69 31.47 8.79
CA ILE A 26 0.29 31.25 8.29
C ILE A 26 -0.62 32.19 9.07
N LYS A 27 -0.54 32.18 10.39
CA LYS A 27 -1.31 33.10 11.26
C LYS A 27 -1.05 34.55 10.86
N GLU A 28 0.21 34.97 10.84
CA GLU A 28 0.62 36.37 10.60
C GLU A 28 0.18 36.82 9.18
N LYS A 29 0.38 35.98 8.17
CA LYS A 29 0.33 36.43 6.75
C LYS A 29 -1.00 36.06 6.08
N LEU A 30 -1.71 35.01 6.52
CA LEU A 30 -2.88 34.46 5.77
C LEU A 30 -4.18 34.50 6.59
N ILE A 31 -4.14 34.30 7.90
CA ILE A 31 -5.36 34.21 8.76
C ILE A 31 -5.63 35.58 9.40
N PHE A 32 -4.73 36.10 10.24
CA PHE A 32 -4.99 37.29 11.11
C PHE A 32 -5.35 38.52 10.30
N PRO A 33 -4.74 38.80 9.12
CA PRO A 33 -5.12 39.97 8.33
C PRO A 33 -6.59 39.97 7.83
N TYR A 34 -7.31 38.85 7.93
CA TYR A 34 -8.68 38.68 7.36
C TYR A 34 -9.70 38.15 8.39
N VAL A 35 -9.25 37.52 9.46
CA VAL A 35 -10.16 36.78 10.37
C VAL A 35 -9.83 37.11 11.82
N GLU A 36 -10.90 37.40 12.56
CA GLU A 36 -10.88 37.71 14.00
C GLU A 36 -11.36 36.41 14.66
N LEU A 37 -10.56 35.80 15.52
CA LEU A 37 -10.95 34.52 16.16
C LEU A 37 -11.08 34.72 17.66
N ASP A 38 -12.08 34.07 18.25
CA ASP A 38 -12.09 33.74 19.72
C ASP A 38 -11.12 32.58 19.90
N LEU A 39 -9.82 32.89 19.96
CA LEU A 39 -8.72 31.91 19.85
C LEU A 39 -8.47 31.28 21.23
N HIS A 40 -8.63 29.98 21.31
CA HIS A 40 -8.19 29.15 22.45
C HIS A 40 -6.85 28.53 22.04
N SER A 41 -5.73 29.23 22.28
CA SER A 41 -4.35 28.80 21.92
C SER A 41 -3.72 28.01 23.07
N TYR A 42 -3.27 26.81 22.77
CA TYR A 42 -2.51 25.95 23.70
C TYR A 42 -1.14 25.75 23.08
N ASP A 43 -0.07 25.89 23.89
CA ASP A 43 1.32 25.74 23.40
C ASP A 43 1.78 24.29 23.61
N LEU A 44 1.72 23.43 22.59
CA LEU A 44 2.17 22.02 22.72
C LEU A 44 3.60 21.87 22.21
N GLY A 45 4.38 22.95 22.17
CA GLY A 45 5.85 22.81 22.07
C GLY A 45 6.35 21.88 23.16
N ILE A 46 7.43 21.15 22.88
CA ILE A 46 7.97 20.07 23.76
C ILE A 46 8.32 20.70 25.12
N GLU A 47 8.84 21.93 25.11
CA GLU A 47 9.36 22.64 26.30
C GLU A 47 8.17 22.97 27.20
N ASN A 48 7.08 23.48 26.64
CA ASN A 48 5.85 23.80 27.41
C ASN A 48 5.17 22.51 27.88
N ARG A 49 5.27 21.42 27.11
CA ARG A 49 4.62 20.14 27.49
C ARG A 49 5.33 19.59 28.73
N ASP A 50 6.65 19.69 28.73
CA ASP A 50 7.57 19.30 29.83
C ASP A 50 7.27 20.12 31.08
N ALA A 51 7.28 21.46 30.97
CA ALA A 51 7.10 22.38 32.12
C ALA A 51 5.75 22.13 32.78
N THR A 52 4.72 21.77 32.02
CA THR A 52 3.34 21.58 32.55
C THR A 52 3.05 20.10 32.80
N ASN A 53 4.07 19.24 32.75
CA ASN A 53 3.87 17.79 32.94
C ASN A 53 2.74 17.32 32.02
N ASP A 54 2.75 17.82 30.78
CA ASP A 54 1.84 17.40 29.67
C ASP A 54 0.40 17.84 29.95
N GLN A 55 0.16 18.69 30.96
CA GLN A 55 -1.22 19.15 31.31
C GLN A 55 -1.81 19.97 30.15
N VAL A 56 -0.97 20.71 29.42
CA VAL A 56 -1.42 21.57 28.30
C VAL A 56 -2.10 20.68 27.24
N THR A 57 -1.60 19.45 26.99
CA THR A 57 -2.10 18.53 25.93
C THR A 57 -3.54 18.13 26.29
N LYS A 58 -3.78 17.82 27.56
CA LYS A 58 -5.10 17.42 28.12
C LYS A 58 -6.08 18.58 28.01
N ASP A 59 -5.67 19.78 28.38
CA ASP A 59 -6.55 20.98 28.37
C ASP A 59 -6.96 21.22 26.91
N ALA A 60 -5.98 21.25 26.01
CA ALA A 60 -6.20 21.42 24.56
C ALA A 60 -7.24 20.37 24.08
N ALA A 61 -7.12 19.11 24.47
CA ALA A 61 -8.05 18.05 24.02
C ALA A 61 -9.44 18.40 24.53
N GLU A 62 -9.54 18.68 25.84
CA GLU A 62 -10.83 18.98 26.49
C GLU A 62 -11.46 20.18 25.80
N ALA A 63 -10.63 21.12 25.33
CA ALA A 63 -11.09 22.37 24.71
C ALA A 63 -11.68 22.10 23.32
N ILE A 64 -11.13 21.15 22.57
CA ILE A 64 -11.66 20.72 21.25
C ILE A 64 -13.04 20.10 21.48
N LYS A 65 -13.15 19.23 22.48
CA LYS A 65 -14.43 18.59 22.89
C LYS A 65 -15.45 19.71 23.10
N LYS A 66 -15.07 20.76 23.82
CA LYS A 66 -16.00 21.85 24.18
C LYS A 66 -16.31 22.70 22.93
N HIS A 67 -15.33 22.97 22.06
CA HIS A 67 -15.42 24.05 21.04
C HIS A 67 -15.58 23.49 19.62
N ASN A 68 -15.30 22.19 19.39
CA ASN A 68 -15.67 21.45 18.14
C ASN A 68 -14.66 21.64 17.01
N VAL A 69 -13.74 22.58 17.10
CA VAL A 69 -12.81 22.84 15.97
C VAL A 69 -11.43 23.01 16.56
N GLY A 70 -10.54 22.10 16.22
CA GLY A 70 -9.12 22.12 16.57
C GLY A 70 -8.29 22.23 15.32
N VAL A 71 -7.21 23.02 15.38
CA VAL A 71 -6.20 23.07 14.29
C VAL A 71 -4.85 22.94 14.97
N LYS A 72 -4.14 21.86 14.65
CA LYS A 72 -2.92 21.44 15.37
C LYS A 72 -1.70 21.51 14.45
N CYS A 73 -0.65 22.14 14.96
CA CYS A 73 0.74 22.11 14.41
C CYS A 73 1.40 20.77 14.78
N ALA A 74 2.35 20.29 13.97
CA ALA A 74 3.05 19.03 14.26
C ALA A 74 3.95 19.21 15.50
N THR A 75 4.11 18.16 16.30
CA THR A 75 4.77 18.14 17.61
C THR A 75 5.82 17.02 17.65
N ILE A 76 6.87 17.23 18.44
CA ILE A 76 7.88 16.19 18.74
C ILE A 76 7.17 15.11 19.57
N THR A 77 7.20 13.85 19.12
CA THR A 77 6.91 12.64 19.95
C THR A 77 8.24 12.17 20.52
N PRO A 78 8.54 12.40 21.82
CA PRO A 78 9.88 12.12 22.34
C PRO A 78 10.22 10.61 22.39
N ASP A 79 11.46 10.32 21.97
CA ASP A 79 12.19 9.05 22.14
C ASP A 79 13.41 9.36 23.04
N GLU A 80 14.24 8.36 23.35
CA GLU A 80 15.38 8.51 24.31
C GLU A 80 16.28 9.66 23.84
N LYS A 81 16.48 9.83 22.52
CA LYS A 81 17.36 10.90 21.97
C LYS A 81 16.79 12.30 22.22
N ARG A 82 15.46 12.48 22.15
CA ARG A 82 14.76 13.78 22.44
C ARG A 82 14.85 14.11 23.94
N VAL A 83 14.70 13.10 24.81
CA VAL A 83 14.83 13.20 26.30
C VAL A 83 16.23 13.73 26.66
N GLU A 84 17.29 13.32 25.97
CA GLU A 84 18.66 13.86 26.19
C GLU A 84 18.76 15.28 25.65
N GLU A 85 18.25 15.54 24.44
CA GLU A 85 18.29 16.86 23.73
C GLU A 85 17.60 17.95 24.57
N PHE A 86 16.45 17.64 25.18
CA PHE A 86 15.60 18.63 25.89
C PHE A 86 15.78 18.49 27.41
N LYS A 87 16.41 17.39 27.87
CA LYS A 87 16.58 17.10 29.31
C LYS A 87 15.18 16.99 29.92
N LEU A 88 14.31 16.24 29.25
CA LEU A 88 12.88 16.05 29.60
C LEU A 88 12.78 15.30 30.93
N LYS A 89 11.68 15.49 31.64
CA LYS A 89 11.43 14.83 32.95
C LYS A 89 11.15 13.36 32.70
N GLN A 90 10.54 13.03 31.56
CA GLN A 90 10.17 11.63 31.20
C GLN A 90 9.73 11.58 29.73
N MET A 91 9.56 10.37 29.20
CA MET A 91 9.22 10.15 27.78
C MET A 91 7.72 10.38 27.61
N TRP A 92 7.33 11.64 27.34
CA TRP A 92 5.92 12.05 27.22
C TRP A 92 5.30 11.34 26.00
N LYS A 93 4.15 10.70 26.20
CA LYS A 93 3.34 10.09 25.13
C LYS A 93 3.07 11.15 24.06
N SER A 94 3.03 10.72 22.80
CA SER A 94 2.56 11.48 21.62
C SER A 94 1.36 12.34 22.01
N PRO A 95 1.41 13.67 21.77
CA PRO A 95 0.21 14.50 21.87
C PRO A 95 -0.97 13.99 21.03
N ASN A 96 -0.67 13.43 19.85
CA ASN A 96 -1.68 12.92 18.90
C ASN A 96 -2.43 11.76 19.54
N GLY A 97 -1.68 10.82 20.16
CA GLY A 97 -2.22 9.72 20.98
C GLY A 97 -3.17 10.23 22.05
N THR A 98 -2.68 11.17 22.87
CA THR A 98 -3.44 11.84 23.96
C THR A 98 -4.71 12.45 23.37
N ILE A 99 -4.61 13.27 22.32
CA ILE A 99 -5.82 13.96 21.76
C ILE A 99 -6.80 12.90 21.25
N ARG A 100 -6.34 11.90 20.48
CA ARG A 100 -7.15 10.80 19.89
C ARG A 100 -8.00 10.09 20.96
N ASN A 101 -7.39 9.65 22.06
CA ASN A 101 -8.05 8.73 23.03
C ASN A 101 -9.06 9.54 23.87
N ILE A 102 -8.98 10.87 23.89
CA ILE A 102 -9.97 11.74 24.58
C ILE A 102 -11.12 12.04 23.60
N LEU A 103 -10.83 12.39 22.36
CA LEU A 103 -11.84 12.82 21.36
C LEU A 103 -12.53 11.61 20.72
N GLY A 104 -11.85 10.45 20.70
CA GLY A 104 -12.17 9.32 19.79
C GLY A 104 -12.00 9.78 18.36
N GLY A 105 -12.69 9.18 17.40
CA GLY A 105 -12.73 9.67 16.02
C GLY A 105 -12.03 8.74 15.03
N THR A 106 -12.16 9.07 13.74
CA THR A 106 -11.49 8.44 12.58
C THR A 106 -10.66 9.49 11.84
N VAL A 107 -9.37 9.19 11.63
CA VAL A 107 -8.41 10.08 10.92
C VAL A 107 -8.61 9.83 9.43
N PHE A 108 -8.91 10.88 8.67
CA PHE A 108 -9.01 10.85 7.20
C PHE A 108 -7.79 11.60 6.65
N ARG A 109 -7.08 10.99 5.70
CA ARG A 109 -5.96 11.70 5.02
C ARG A 109 -6.29 11.90 3.53
N GLU A 110 -5.83 13.01 2.98
CA GLU A 110 -6.13 13.47 1.61
C GLU A 110 -4.91 14.24 1.11
N ALA A 111 -4.41 13.90 -0.08
CA ALA A 111 -3.36 14.69 -0.75
C ALA A 111 -4.07 15.80 -1.55
N ILE A 112 -3.49 16.99 -1.57
CA ILE A 112 -3.99 18.15 -2.34
C ILE A 112 -3.43 18.05 -3.77
N ILE A 113 -4.33 18.09 -4.76
CA ILE A 113 -4.00 17.92 -6.19
C ILE A 113 -3.71 19.29 -6.79
N CYS A 114 -2.52 19.43 -7.35
CA CYS A 114 -2.15 20.45 -8.36
C CYS A 114 -1.97 19.74 -9.72
N LYS A 115 -2.48 20.38 -10.79
CA LYS A 115 -2.52 19.81 -12.17
C LYS A 115 -1.10 19.63 -12.71
N ASN A 116 -0.14 20.48 -12.31
CA ASN A 116 1.24 20.51 -12.86
C ASN A 116 2.13 19.56 -12.04
N ILE A 117 1.58 18.89 -11.01
CA ILE A 117 2.38 18.04 -10.11
C ILE A 117 2.00 16.58 -10.34
N PRO A 118 2.90 15.73 -10.85
CA PRO A 118 2.48 14.44 -11.37
C PRO A 118 1.98 13.61 -10.18
N ARG A 119 0.87 12.92 -10.36
CA ARG A 119 0.36 11.90 -9.42
C ARG A 119 0.93 10.53 -9.80
N LEU A 120 0.78 9.56 -8.89
CA LEU A 120 1.20 8.15 -9.08
C LEU A 120 0.48 7.57 -10.31
N VAL A 121 -0.84 7.78 -10.38
CA VAL A 121 -1.75 7.54 -11.54
C VAL A 121 -2.04 8.91 -12.16
N SER A 122 -1.64 9.15 -13.41
CA SER A 122 -1.78 10.47 -14.09
C SER A 122 -3.27 10.89 -14.07
N GLY A 123 -4.19 9.92 -14.20
CA GLY A 123 -5.65 10.15 -14.25
C GLY A 123 -6.26 10.59 -12.93
N TRP A 124 -5.54 10.51 -11.81
CA TRP A 124 -6.04 11.06 -10.50
C TRP A 124 -6.11 12.60 -10.58
N VAL A 125 -7.30 13.17 -10.68
CA VAL A 125 -7.50 14.66 -10.73
C VAL A 125 -8.46 15.11 -9.62
N LYS A 126 -9.24 14.18 -9.06
CA LYS A 126 -10.14 14.44 -7.91
C LYS A 126 -9.56 13.79 -6.66
N PRO A 127 -9.81 14.37 -5.47
CA PRO A 127 -9.20 13.90 -4.22
C PRO A 127 -9.53 12.45 -3.86
N ILE A 128 -8.55 11.71 -3.33
CA ILE A 128 -8.78 10.38 -2.71
C ILE A 128 -8.58 10.53 -1.19
N ILE A 129 -9.64 10.23 -0.43
CA ILE A 129 -9.72 10.44 1.04
C ILE A 129 -9.79 9.09 1.74
N ILE A 130 -8.75 8.75 2.51
CA ILE A 130 -8.56 7.44 3.19
C ILE A 130 -8.80 7.62 4.68
N GLY A 131 -9.87 7.01 5.21
CA GLY A 131 -10.07 6.82 6.66
C GLY A 131 -9.58 5.45 7.09
N HIS A 132 -8.67 5.39 8.08
CA HIS A 132 -8.27 4.14 8.77
C HIS A 132 -8.95 4.05 10.13
N HIS A 133 -9.17 2.81 10.59
CA HIS A 133 -9.74 2.45 11.90
C HIS A 133 -8.75 2.82 13.03
N ALA A 134 -7.66 2.04 13.19
CA ALA A 134 -6.45 2.43 13.97
C ALA A 134 -5.23 1.60 13.50
N ASP A 137 -5.54 -2.63 13.27
CA ASP A 137 -5.80 -3.44 14.49
C ASP A 137 -4.48 -3.91 15.11
N GLN A 138 -3.35 -3.70 14.44
CA GLN A 138 -1.99 -3.96 14.99
C GLN A 138 -1.86 -3.22 16.34
N TYR A 139 -2.50 -2.06 16.49
CA TYR A 139 -2.34 -1.15 17.65
C TYR A 139 -2.92 -1.79 18.92
N ARG A 140 -3.94 -2.63 18.81
CA ARG A 140 -4.42 -3.44 19.97
C ARG A 140 -4.29 -4.93 19.60
N ALA A 141 -3.06 -5.35 19.29
CA ALA A 141 -2.63 -6.75 19.18
C ALA A 141 -1.83 -7.08 20.45
N THR A 142 -2.10 -8.23 21.03
CA THR A 142 -1.30 -8.82 22.13
C THR A 142 -0.49 -9.94 21.48
N ASP A 143 0.81 -9.70 21.30
CA ASP A 143 1.73 -10.61 20.58
C ASP A 143 2.73 -11.19 21.59
N PHE A 144 3.07 -12.46 21.42
CA PHE A 144 4.13 -13.12 22.21
C PHE A 144 4.86 -14.16 21.37
N VAL A 145 5.94 -14.65 21.95
CA VAL A 145 6.83 -15.72 21.41
C VAL A 145 6.33 -17.05 21.95
N VAL A 146 6.28 -18.06 21.10
CA VAL A 146 5.96 -19.46 21.52
C VAL A 146 7.31 -20.16 21.61
N PRO A 147 7.82 -20.41 22.82
CA PRO A 147 9.19 -20.88 23.02
C PRO A 147 9.38 -22.32 22.53
N GLY A 148 8.31 -23.10 22.42
CA GLY A 148 8.41 -24.49 22.00
C GLY A 148 7.04 -25.18 22.01
N PRO A 149 7.00 -26.49 21.69
CA PRO A 149 5.74 -27.20 21.58
C PRO A 149 4.78 -26.86 22.72
N GLY A 150 3.49 -26.94 22.42
CA GLY A 150 2.38 -26.57 23.30
C GLY A 150 1.25 -25.97 22.50
N LYS A 151 0.13 -25.69 23.17
CA LYS A 151 -1.15 -25.22 22.61
C LYS A 151 -1.25 -23.71 22.82
N VAL A 152 -1.68 -22.98 21.79
CA VAL A 152 -2.15 -21.57 21.90
C VAL A 152 -3.67 -21.59 21.70
N GLU A 153 -4.40 -21.00 22.64
CA GLU A 153 -5.86 -20.97 22.65
C GLU A 153 -6.30 -19.53 22.91
N ILE A 154 -7.44 -19.16 22.34
CA ILE A 154 -8.08 -17.85 22.58
C ILE A 154 -9.49 -18.17 23.06
N THR A 155 -9.86 -17.56 24.18
CA THR A 155 -11.06 -17.91 24.97
C THR A 155 -11.87 -16.66 25.21
N TYR A 156 -13.18 -16.86 25.30
CA TYR A 156 -14.18 -15.81 25.58
C TYR A 156 -14.90 -16.23 26.86
N THR A 157 -14.80 -15.40 27.89
CA THR A 157 -15.43 -15.67 29.20
C THR A 157 -16.52 -14.62 29.40
N PRO A 158 -17.79 -15.00 29.20
CA PRO A 158 -18.90 -14.09 29.49
C PRO A 158 -18.74 -13.46 30.88
N SER A 159 -19.01 -12.17 30.98
CA SER A 159 -19.13 -11.44 32.29
C SER A 159 -20.31 -12.00 33.08
N ASP A 160 -21.29 -12.66 32.45
CA ASP A 160 -22.57 -13.05 33.09
C ASP A 160 -22.47 -14.46 33.64
N GLY A 161 -21.27 -15.05 33.62
CA GLY A 161 -20.99 -16.34 34.27
C GLY A 161 -21.40 -17.53 33.44
N THR A 162 -21.99 -17.34 32.26
CA THR A 162 -22.31 -18.47 31.34
C THR A 162 -21.00 -19.07 30.80
N GLN A 163 -21.11 -20.21 30.13
CA GLN A 163 -19.99 -21.10 29.70
C GLN A 163 -18.92 -20.33 28.90
N LYS A 164 -17.68 -20.41 29.36
CA LYS A 164 -16.50 -19.97 28.58
C LYS A 164 -16.42 -20.75 27.26
N VAL A 165 -15.95 -20.10 26.21
CA VAL A 165 -15.73 -20.80 24.91
C VAL A 165 -14.24 -20.73 24.62
N THR A 166 -13.72 -21.79 24.02
CA THR A 166 -12.29 -22.00 23.72
C THR A 166 -12.15 -22.33 22.22
N TYR A 167 -11.26 -21.61 21.55
CA TYR A 167 -10.89 -21.79 20.14
C TYR A 167 -9.39 -22.07 20.07
N LEU A 168 -9.02 -23.16 19.41
CA LEU A 168 -7.60 -23.49 19.10
C LEU A 168 -7.04 -22.50 18.07
N VAL A 169 -5.97 -21.79 18.39
CA VAL A 169 -5.19 -20.98 17.42
C VAL A 169 -4.20 -21.89 16.69
N HIS A 170 -3.46 -22.70 17.44
CA HIS A 170 -2.48 -23.66 16.89
C HIS A 170 -1.91 -24.55 17.99
N ASN A 171 -1.76 -25.82 17.64
CA ASN A 171 -0.98 -26.85 18.33
C ASN A 171 0.42 -26.86 17.72
N PHE A 172 1.40 -26.25 18.37
CA PHE A 172 2.82 -26.35 17.98
C PHE A 172 3.30 -27.72 18.45
N GLU A 173 3.49 -28.68 17.53
CA GLU A 173 3.88 -30.08 17.87
C GLU A 173 5.40 -30.19 17.88
N GLU A 174 6.07 -29.41 17.03
CA GLU A 174 7.55 -29.41 16.91
C GLU A 174 7.99 -27.95 16.78
N GLY A 175 8.97 -27.53 17.54
CA GLY A 175 9.48 -26.16 17.51
C GLY A 175 8.48 -25.15 18.03
N GLY A 176 8.90 -23.91 18.05
CA GLY A 176 8.10 -22.76 18.50
C GLY A 176 7.70 -21.90 17.32
N GLY A 177 7.54 -20.62 17.61
CA GLY A 177 7.01 -19.62 16.68
C GLY A 177 6.49 -18.43 17.45
N VAL A 178 5.34 -17.95 17.02
CA VAL A 178 4.89 -16.61 17.41
C VAL A 178 3.36 -16.63 17.29
N ALA A 179 2.66 -15.86 18.10
CA ALA A 179 1.19 -15.87 18.17
C ALA A 179 0.72 -14.50 18.64
N MET A 180 -0.48 -14.12 18.23
CA MET A 180 -1.11 -12.90 18.75
C MET A 180 -2.64 -13.00 18.70
N GLY A 181 -3.27 -12.19 19.54
CA GLY A 181 -4.72 -11.96 19.57
C GLY A 181 -5.01 -10.51 19.22
N MET A 182 -6.07 -10.27 18.45
CA MET A 182 -6.54 -8.93 18.03
C MET A 182 -8.05 -8.89 18.28
N TYR A 183 -8.59 -7.69 18.51
CA TYR A 183 -10.05 -7.49 18.71
C TYR A 183 -10.51 -6.22 18.01
N ASN A 184 -11.82 -6.10 17.88
CA ASN A 184 -12.51 -4.82 17.64
C ASN A 184 -13.83 -4.91 18.38
N GLN A 185 -14.22 -3.84 19.05
CA GLN A 185 -15.56 -3.63 19.66
C GLN A 185 -16.54 -3.15 18.58
N ASP A 186 -17.79 -3.62 18.64
CA ASP A 186 -18.92 -3.12 17.85
C ASP A 186 -18.95 -1.60 17.97
N LYS A 187 -18.82 -1.08 19.18
CA LYS A 187 -18.91 0.38 19.45
C LYS A 187 -17.91 1.15 18.54
N SER A 188 -16.66 0.69 18.39
CA SER A 188 -15.64 1.36 17.54
C SER A 188 -16.00 1.24 16.07
N ILE A 189 -16.48 0.09 15.61
CA ILE A 189 -16.91 -0.12 14.20
C ILE A 189 -18.06 0.86 13.88
N GLU A 190 -19.02 1.02 14.80
CA GLU A 190 -20.16 1.93 14.63
C GLU A 190 -19.64 3.37 14.51
N ASP A 191 -18.73 3.78 15.38
CA ASP A 191 -18.11 5.13 15.34
C ASP A 191 -17.44 5.36 13.99
N PHE A 192 -16.71 4.37 13.50
CA PHE A 192 -15.92 4.42 12.25
C PHE A 192 -16.90 4.59 11.07
N ALA A 193 -17.94 3.77 11.01
CA ALA A 193 -19.02 3.90 10.01
C ALA A 193 -19.58 5.35 10.06
N HIS A 194 -19.95 5.85 11.24
CA HIS A 194 -20.60 7.18 11.39
C HIS A 194 -19.65 8.29 10.93
N SER A 195 -18.41 8.30 11.42
CA SER A 195 -17.36 9.25 10.95
C SER A 195 -17.25 9.13 9.43
N SER A 196 -17.18 7.91 8.90
CA SER A 196 -17.05 7.60 7.45
C SER A 196 -18.23 8.17 6.67
N PHE A 197 -19.47 7.90 7.10
CA PHE A 197 -20.70 8.41 6.44
C PHE A 197 -20.74 9.94 6.57
N GLN A 198 -20.38 10.50 7.73
CA GLN A 198 -20.45 11.97 7.95
C GLN A 198 -19.58 12.71 6.93
N MET A 199 -18.37 12.18 6.67
CA MET A 199 -17.35 12.75 5.74
C MET A 199 -17.84 12.70 4.30
N ALA A 200 -18.38 11.57 3.85
CA ALA A 200 -18.80 11.41 2.45
C ALA A 200 -19.86 12.46 2.14
N LEU A 201 -20.83 12.61 3.06
CA LEU A 201 -21.97 13.56 2.99
C LEU A 201 -21.44 14.99 2.93
N SER A 202 -20.47 15.32 3.78
CA SER A 202 -19.93 16.69 3.95
C SER A 202 -19.08 17.08 2.73
N LYS A 203 -18.35 16.14 2.13
CA LYS A 203 -17.56 16.40 0.90
C LYS A 203 -18.40 16.06 -0.32
N GLY A 204 -19.51 15.35 -0.13
CA GLY A 204 -20.37 14.90 -1.25
C GLY A 204 -19.60 14.01 -2.22
N TRP A 205 -18.79 13.07 -1.73
CA TRP A 205 -18.22 11.99 -2.58
C TRP A 205 -18.82 10.67 -2.11
N PRO A 206 -18.84 9.63 -2.97
CA PRO A 206 -19.22 8.29 -2.55
C PRO A 206 -18.21 7.67 -1.56
N LEU A 207 -18.70 6.72 -0.76
CA LEU A 207 -17.95 6.00 0.28
C LEU A 207 -17.71 4.54 -0.14
N TYR A 208 -16.48 4.05 -0.04
CA TYR A 208 -16.20 2.61 -0.12
C TYR A 208 -15.57 2.14 1.21
N LEU A 209 -15.99 0.97 1.68
CA LEU A 209 -15.32 0.17 2.74
C LEU A 209 -14.66 -1.02 2.05
N SER A 210 -13.36 -1.18 2.28
CA SER A 210 -12.59 -2.35 1.80
C SER A 210 -12.28 -3.25 2.99
N THR A 211 -12.49 -4.55 2.80
CA THR A 211 -12.19 -5.62 3.77
C THR A 211 -11.75 -6.85 2.98
N LYS A 212 -11.38 -7.88 3.73
CA LYS A 212 -11.05 -9.22 3.22
C LYS A 212 -12.00 -10.18 3.95
N ASN A 213 -13.31 -9.92 3.86
CA ASN A 213 -14.35 -10.76 4.52
C ASN A 213 -14.50 -12.12 3.82
N THR A 214 -13.74 -12.41 2.76
CA THR A 214 -13.66 -13.76 2.13
C THR A 214 -12.83 -14.69 3.03
N ILE A 215 -11.78 -14.15 3.65
CA ILE A 215 -10.81 -14.94 4.46
C ILE A 215 -11.22 -14.88 5.93
N LEU A 216 -11.42 -13.66 6.44
CA LEU A 216 -11.93 -13.38 7.80
C LEU A 216 -13.42 -13.12 7.70
N LYS A 217 -14.21 -14.19 7.59
CA LYS A 217 -15.68 -14.12 7.37
C LYS A 217 -16.32 -13.44 8.59
N LYS A 218 -15.82 -13.73 9.78
CA LYS A 218 -16.37 -13.22 11.06
C LYS A 218 -15.84 -11.80 11.30
N TYR A 219 -14.52 -11.62 11.35
CA TYR A 219 -13.87 -10.38 11.84
C TYR A 219 -14.22 -9.25 10.87
N ASP A 220 -13.86 -9.41 9.60
CA ASP A 220 -14.12 -8.39 8.54
C ASP A 220 -15.62 -8.37 8.23
N GLY A 221 -16.28 -9.54 8.24
CA GLY A 221 -17.73 -9.62 8.05
C GLY A 221 -18.48 -8.66 8.95
N ARG A 222 -18.06 -8.57 10.21
CA ARG A 222 -18.68 -7.63 11.17
C ARG A 222 -18.60 -6.18 10.69
N PHE A 223 -17.48 -5.78 10.09
CA PHE A 223 -17.29 -4.41 9.56
C PHE A 223 -18.29 -4.18 8.42
N LYS A 224 -18.34 -5.12 7.46
CA LYS A 224 -19.28 -5.06 6.32
C LYS A 224 -20.70 -4.94 6.86
N ASP A 225 -21.09 -5.78 7.82
CA ASP A 225 -22.49 -5.87 8.28
C ASP A 225 -22.88 -4.58 9.00
N ILE A 226 -22.05 -4.09 9.93
CA ILE A 226 -22.33 -2.85 10.70
C ILE A 226 -22.42 -1.65 9.74
N PHE A 227 -21.46 -1.51 8.82
CA PHE A 227 -21.51 -0.41 7.82
C PHE A 227 -22.84 -0.49 7.05
N GLN A 228 -23.15 -1.65 6.46
CA GLN A 228 -24.37 -1.86 5.62
C GLN A 228 -25.61 -1.44 6.40
N GLU A 229 -25.80 -1.93 7.63
CA GLU A 229 -27.04 -1.70 8.40
C GLU A 229 -27.13 -0.24 8.86
N ILE A 230 -26.00 0.40 9.21
CA ILE A 230 -25.99 1.84 9.58
C ILE A 230 -26.33 2.67 8.32
N TYR A 231 -25.81 2.28 7.15
CA TYR A 231 -26.18 2.91 5.86
C TYR A 231 -27.70 2.90 5.67
N ASP A 232 -28.28 1.69 5.60
CA ASP A 232 -29.71 1.46 5.26
C ASP A 232 -30.57 2.22 6.28
N LYS A 233 -30.42 1.93 7.57
CA LYS A 233 -31.18 2.55 8.68
C LYS A 233 -31.04 4.07 8.66
N GLN A 234 -29.86 4.63 8.42
CA GLN A 234 -29.54 6.03 8.85
C GLN A 234 -29.02 6.97 7.74
N TYR A 235 -28.48 6.51 6.60
CA TYR A 235 -27.75 7.43 5.68
C TYR A 235 -28.17 7.35 4.21
N LYS A 236 -28.70 6.21 3.76
CA LYS A 236 -29.11 5.96 2.34
C LYS A 236 -29.89 7.17 1.78
N SER A 237 -30.93 7.63 2.46
CA SER A 237 -31.77 8.76 1.98
C SER A 237 -30.91 9.99 1.66
N GLN A 238 -30.09 10.45 2.60
CA GLN A 238 -29.18 11.63 2.41
C GLN A 238 -28.22 11.40 1.23
N PHE A 239 -27.59 10.23 1.13
CA PHE A 239 -26.66 9.86 0.03
C PHE A 239 -27.34 9.98 -1.35
N GLU A 240 -28.53 9.42 -1.50
CA GLU A 240 -29.28 9.45 -2.80
C GLU A 240 -29.65 10.90 -3.15
N ALA A 241 -29.87 11.76 -2.14
CA ALA A 241 -30.25 13.19 -2.30
C ALA A 241 -29.02 14.04 -2.63
N GLN A 242 -27.82 13.47 -2.55
CA GLN A 242 -26.58 14.13 -3.06
C GLN A 242 -26.07 13.34 -4.26
N LYS A 243 -26.88 12.38 -4.75
CA LYS A 243 -26.56 11.49 -5.89
C LYS A 243 -25.19 10.82 -5.67
N ILE A 244 -24.90 10.43 -4.43
CA ILE A 244 -23.72 9.58 -4.07
C ILE A 244 -24.26 8.24 -3.53
N TRP A 245 -23.35 7.34 -3.19
CA TRP A 245 -23.69 5.97 -2.74
C TRP A 245 -22.60 5.46 -1.79
N TYR A 246 -22.92 4.44 -1.00
CA TYR A 246 -21.97 3.64 -0.21
C TYR A 246 -21.95 2.23 -0.80
N GLU A 247 -20.78 1.60 -0.87
CA GLU A 247 -20.59 0.21 -1.35
C GLU A 247 -19.39 -0.44 -0.66
N HIS A 248 -19.54 -1.71 -0.28
CA HIS A 248 -18.44 -2.57 0.21
C HIS A 248 -17.65 -3.13 -0.98
N ARG A 249 -16.33 -3.19 -0.86
CA ARG A 249 -15.44 -3.84 -1.86
C ARG A 249 -14.45 -4.73 -1.13
N LEU A 250 -14.14 -5.91 -1.69
CA LEU A 250 -12.92 -6.66 -1.30
C LEU A 250 -11.70 -5.80 -1.67
N ILE A 251 -10.71 -5.76 -0.79
CA ILE A 251 -9.46 -4.98 -0.95
C ILE A 251 -8.89 -5.14 -2.37
N ASP A 252 -8.70 -6.38 -2.88
CA ASP A 252 -8.21 -6.65 -4.27
C ASP A 252 -8.97 -5.78 -5.29
N ASP A 253 -10.30 -5.82 -5.22
CA ASP A 253 -11.23 -5.10 -6.11
C ASP A 253 -11.07 -3.59 -5.90
N MET A 254 -10.95 -3.12 -4.65
CA MET A 254 -10.91 -1.67 -4.33
C MET A 254 -9.65 -1.06 -4.94
N VAL A 255 -8.50 -1.66 -4.67
CA VAL A 255 -7.19 -1.21 -5.20
C VAL A 255 -7.31 -1.11 -6.72
N ALA A 256 -7.76 -2.19 -7.39
CA ALA A 256 -7.92 -2.26 -8.86
C ALA A 256 -8.78 -1.09 -9.35
N GLN A 257 -9.97 -0.93 -8.79
CA GLN A 257 -10.92 0.14 -9.21
C GLN A 257 -10.30 1.53 -8.94
N ALA A 258 -9.58 1.73 -7.84
CA ALA A 258 -8.97 3.02 -7.47
C ALA A 258 -7.90 3.43 -8.51
N MET A 259 -7.13 2.48 -9.05
CA MET A 259 -6.04 2.79 -10.02
C MET A 259 -6.60 3.06 -11.43
N LYS A 260 -7.85 2.66 -11.70
CA LYS A 260 -8.62 2.91 -12.96
C LYS A 260 -9.38 4.23 -12.87
N SER A 261 -9.49 4.78 -11.66
CA SER A 261 -10.37 5.91 -11.28
C SER A 261 -9.71 7.26 -11.62
N GLU A 262 -10.51 8.29 -11.44
CA GLU A 262 -10.16 9.73 -11.52
C GLU A 262 -10.04 10.29 -10.10
N GLY A 263 -10.31 9.47 -9.09
CA GLY A 263 -10.43 9.86 -7.68
C GLY A 263 -11.81 10.41 -7.42
N GLY A 264 -11.97 11.22 -6.36
CA GLY A 264 -13.27 11.74 -5.91
C GLY A 264 -14.08 10.73 -5.12
N PHE A 265 -13.49 10.09 -4.10
CA PHE A 265 -14.23 9.20 -3.19
C PHE A 265 -13.56 9.16 -1.81
N ILE A 266 -14.38 8.75 -0.82
CA ILE A 266 -13.89 8.36 0.53
C ILE A 266 -13.66 6.84 0.50
N TRP A 267 -12.58 6.41 1.14
CA TRP A 267 -12.12 5.00 1.26
C TRP A 267 -11.89 4.70 2.73
N ALA A 268 -12.84 3.99 3.35
CA ALA A 268 -12.73 3.45 4.71
C ALA A 268 -12.00 2.12 4.59
N CYS A 269 -10.77 2.07 5.10
CA CYS A 269 -9.78 0.97 5.00
C CYS A 269 -9.69 0.27 6.36
N LYS A 270 -10.41 -0.85 6.49
CA LYS A 270 -10.20 -1.84 7.57
C LYS A 270 -8.91 -2.56 7.19
N ASN A 271 -7.88 -2.41 8.05
CA ASN A 271 -6.46 -2.54 7.67
C ASN A 271 -5.65 -2.90 8.92
N TYR A 272 -4.48 -3.50 8.77
CA TYR A 272 -3.58 -3.81 9.92
C TYR A 272 -2.71 -2.59 10.24
N ASP A 273 -2.15 -1.90 9.25
CA ASP A 273 -1.27 -0.71 9.43
C ASP A 273 -1.88 0.50 8.73
N GLY A 274 -2.35 1.49 9.51
CA GLY A 274 -2.98 2.73 9.02
C GLY A 274 -2.03 3.92 9.09
N ASP A 275 -0.74 3.67 9.31
CA ASP A 275 0.29 4.74 9.37
C ASP A 275 0.46 5.29 7.94
N VAL A 276 0.63 6.61 7.88
CA VAL A 276 1.07 7.38 6.68
C VAL A 276 2.44 6.86 6.25
N GLN A 277 3.35 6.63 7.22
CA GLN A 277 4.80 6.43 6.98
C GLN A 277 5.04 5.13 6.22
N SER A 278 4.20 4.11 6.42
CA SER A 278 4.32 2.81 5.72
C SER A 278 3.43 2.75 4.48
N ASP A 279 2.71 3.80 4.09
CA ASP A 279 1.83 3.77 2.88
C ASP A 279 2.58 4.40 1.68
N SER A 280 3.08 3.55 0.78
CA SER A 280 3.77 3.88 -0.49
C SER A 280 3.10 5.07 -1.18
N VAL A 281 1.77 5.02 -1.36
CA VAL A 281 0.99 6.01 -2.17
C VAL A 281 1.01 7.38 -1.48
N ALA A 282 0.85 7.42 -0.15
CA ALA A 282 0.99 8.65 0.66
C ALA A 282 2.38 9.25 0.41
N GLN A 283 3.40 8.39 0.34
CA GLN A 283 4.82 8.79 0.22
C GLN A 283 5.23 9.00 -1.25
N GLY A 284 4.42 8.56 -2.21
CA GLY A 284 4.71 8.63 -3.66
C GLY A 284 3.92 9.73 -4.37
N TYR A 285 3.61 10.81 -3.65
CA TYR A 285 3.10 12.10 -4.17
C TYR A 285 3.81 13.25 -3.45
N GLY A 286 4.44 14.13 -4.24
CA GLY A 286 5.01 15.42 -3.82
C GLY A 286 5.90 15.26 -2.61
N SER A 287 5.41 15.70 -1.45
CA SER A 287 5.91 15.34 -0.11
C SER A 287 4.71 15.03 0.77
N LEU A 288 4.98 14.59 1.99
CA LEU A 288 3.97 14.67 3.06
C LEU A 288 3.52 16.16 3.21
N GLY A 289 4.25 17.13 2.62
CA GLY A 289 3.89 18.55 2.51
C GLY A 289 2.54 18.79 1.82
N MET A 290 2.03 17.83 1.05
CA MET A 290 0.74 17.95 0.33
C MET A 290 -0.31 17.03 0.95
N MET A 291 0.00 16.43 2.10
CA MET A 291 -0.90 15.48 2.81
C MET A 291 -1.48 16.12 4.08
N THR A 292 -2.79 16.24 4.14
CA THR A 292 -3.52 16.81 5.29
C THR A 292 -4.32 15.68 5.91
N SER A 293 -4.59 15.76 7.22
CA SER A 293 -5.50 14.83 7.94
C SER A 293 -6.55 15.62 8.74
N VAL A 294 -7.66 14.96 8.99
CA VAL A 294 -8.70 15.49 9.91
C VAL A 294 -9.16 14.27 10.72
N LEU A 295 -9.25 14.49 12.03
CA LEU A 295 -9.89 13.56 12.97
C LEU A 295 -11.35 14.00 13.00
N VAL A 296 -12.25 13.14 12.54
CA VAL A 296 -13.72 13.35 12.51
C VAL A 296 -14.33 12.48 13.60
N CYS A 297 -15.08 13.10 14.50
CA CYS A 297 -15.86 12.41 15.56
C CYS A 297 -17.17 11.92 14.95
N PRO A 298 -17.74 10.83 15.50
CA PRO A 298 -18.93 10.22 14.91
C PRO A 298 -20.15 11.17 14.88
N ASP A 299 -20.19 12.14 15.80
CA ASP A 299 -21.28 13.15 15.94
C ASP A 299 -21.37 13.97 14.65
N GLY A 300 -20.26 14.15 13.91
CA GLY A 300 -20.18 15.07 12.77
C GLY A 300 -20.12 16.53 13.22
N LYS A 301 -19.85 16.76 14.52
CA LYS A 301 -19.77 18.12 15.13
C LYS A 301 -18.30 18.51 15.31
N THR A 302 -17.46 17.60 15.77
CA THR A 302 -16.11 17.89 16.27
C THR A 302 -15.07 17.37 15.30
N VAL A 303 -14.14 18.24 14.95
CA VAL A 303 -13.08 17.99 13.95
C VAL A 303 -11.77 18.56 14.50
N GLU A 304 -10.69 17.82 14.33
CA GLU A 304 -9.32 18.34 14.55
C GLU A 304 -8.56 18.15 13.23
N ALA A 305 -7.90 19.20 12.75
CA ALA A 305 -7.17 19.21 11.46
C ALA A 305 -5.66 19.43 11.72
N GLU A 306 -4.82 18.62 11.08
CA GLU A 306 -3.35 18.83 11.04
C GLU A 306 -2.78 18.38 9.69
N ALA A 307 -1.56 18.81 9.40
CA ALA A 307 -0.69 18.22 8.36
C ALA A 307 -0.40 16.76 8.72
N ALA A 308 -0.40 15.85 7.75
CA ALA A 308 -0.09 14.41 7.96
C ALA A 308 1.42 14.16 8.19
N HIS A 309 2.27 15.18 8.16
CA HIS A 309 3.75 15.07 8.28
C HIS A 309 4.23 15.44 9.70
N GLY A 310 5.54 15.49 9.91
CA GLY A 310 6.13 15.84 11.22
C GLY A 310 6.63 17.26 11.26
N THR A 311 7.61 17.53 12.11
CA THR A 311 8.13 18.86 12.50
C THR A 311 9.29 19.25 11.59
N VAL A 312 9.63 18.37 10.64
CA VAL A 312 10.60 18.58 9.54
C VAL A 312 11.95 19.01 10.15
N THR A 313 12.41 18.21 11.11
CA THR A 313 13.64 18.47 11.90
C THR A 313 14.80 18.84 10.99
N ARG A 314 15.05 17.98 9.99
CA ARG A 314 16.11 18.17 8.97
C ARG A 314 16.08 19.65 8.55
N HIS A 315 14.92 20.18 8.16
CA HIS A 315 14.82 21.55 7.63
C HIS A 315 15.06 22.54 8.78
N TYR A 316 14.57 22.22 9.98
CA TYR A 316 14.72 23.07 11.19
C TYR A 316 16.20 23.24 11.55
N ARG A 317 16.99 22.16 11.51
CA ARG A 317 18.46 22.19 11.77
C ARG A 317 19.13 23.14 10.78
N MET A 318 18.74 23.05 9.49
CA MET A 318 19.19 24.00 8.45
C MET A 318 18.83 25.43 8.84
N TYR A 319 17.64 25.65 9.41
CA TYR A 319 17.12 27.01 9.70
C TYR A 319 17.85 27.61 10.93
N GLN A 320 18.28 26.77 11.87
CA GLN A 320 19.07 27.19 13.07
C GLN A 320 20.48 27.60 12.63
N LYS A 321 21.11 26.82 11.75
CA LYS A 321 22.45 27.10 11.17
C LYS A 321 22.40 28.29 10.19
N GLY A 322 21.28 29.01 10.07
CA GLY A 322 21.16 30.21 9.21
C GLY A 322 20.89 29.92 7.72
N GLN A 323 20.96 28.65 7.29
CA GLN A 323 20.92 28.21 5.86
C GLN A 323 19.50 28.42 5.29
N GLU A 324 19.40 28.75 4.00
CA GLU A 324 18.12 28.84 3.25
C GLU A 324 17.36 27.50 3.35
N THR A 325 16.05 27.55 3.64
CA THR A 325 15.12 26.36 3.66
C THR A 325 14.07 26.50 2.55
N SER A 326 13.49 25.39 2.11
CA SER A 326 12.29 25.41 1.24
C SER A 326 11.34 24.32 1.72
N THR A 327 10.47 24.69 2.66
CA THR A 327 9.55 23.78 3.38
C THR A 327 8.13 24.08 2.88
N ASN A 328 7.41 23.03 2.56
CA ASN A 328 6.08 23.11 1.93
C ASN A 328 5.04 23.38 3.04
N PRO A 329 4.38 24.57 3.04
CA PRO A 329 3.41 24.91 4.06
C PRO A 329 1.97 24.49 3.74
N ILE A 330 1.76 23.73 2.65
CA ILE A 330 0.39 23.50 2.08
C ILE A 330 -0.42 22.66 3.07
N ALA A 331 0.17 21.59 3.59
CA ALA A 331 -0.56 20.67 4.48
C ALA A 331 -0.99 21.45 5.73
N SER A 332 -0.11 22.35 6.22
CA SER A 332 -0.34 23.19 7.43
C SER A 332 -1.40 24.26 7.14
N ILE A 333 -1.33 24.87 5.96
CA ILE A 333 -2.38 25.83 5.52
C ILE A 333 -3.73 25.12 5.51
N PHE A 334 -3.79 23.89 4.99
CA PHE A 334 -5.05 23.14 4.76
C PHE A 334 -5.60 22.63 6.11
N ALA A 335 -4.76 22.49 7.13
CA ALA A 335 -5.26 22.29 8.51
C ALA A 335 -6.14 23.49 8.87
N TRP A 336 -5.62 24.70 8.70
CA TRP A 336 -6.37 25.94 8.99
C TRP A 336 -7.65 26.02 8.13
N THR A 337 -7.60 25.79 6.83
CA THR A 337 -8.78 26.02 5.94
C THR A 337 -9.84 24.95 6.19
N ARG A 338 -9.45 23.76 6.64
CA ARG A 338 -10.43 22.68 6.92
C ARG A 338 -11.10 22.95 8.26
N GLY A 339 -10.33 23.35 9.27
CA GLY A 339 -10.90 23.83 10.54
C GLY A 339 -11.82 25.01 10.32
N LEU A 340 -11.40 26.06 9.62
CA LEU A 340 -12.27 27.25 9.45
C LEU A 340 -13.52 26.86 8.66
N ALA A 341 -13.38 25.98 7.67
CA ALA A 341 -14.52 25.49 6.85
C ALA A 341 -15.55 24.82 7.76
N HIS A 342 -15.07 24.03 8.72
CA HIS A 342 -15.91 23.32 9.69
C HIS A 342 -16.51 24.34 10.66
N ARG A 343 -15.72 25.32 11.09
CA ARG A 343 -16.23 26.42 11.96
C ARG A 343 -17.39 27.05 11.22
N ALA A 344 -17.16 27.47 9.96
CA ALA A 344 -18.14 28.19 9.12
C ALA A 344 -19.42 27.36 8.98
N LYS A 345 -19.28 26.05 8.83
CA LYS A 345 -20.40 25.09 8.61
C LYS A 345 -21.28 25.07 9.88
N LEU A 346 -20.67 24.90 11.05
CA LEU A 346 -21.36 24.87 12.37
C LEU A 346 -22.11 26.18 12.64
N ASP A 347 -21.54 27.32 12.25
CA ASP A 347 -22.12 28.64 12.58
C ASP A 347 -22.87 29.24 11.39
N ASN A 348 -23.08 28.50 10.30
CA ASN A 348 -23.72 29.06 9.07
C ASN A 348 -23.07 30.39 8.68
N ASN A 349 -21.74 30.45 8.65
CA ASN A 349 -20.93 31.69 8.45
C ASN A 349 -20.47 31.74 6.98
N LYS A 350 -21.27 32.34 6.11
CA LYS A 350 -21.05 32.33 4.62
C LYS A 350 -19.70 32.99 4.33
N GLU A 351 -19.35 34.06 5.05
CA GLU A 351 -18.10 34.82 4.76
C GLU A 351 -16.88 33.97 5.13
N LEU A 352 -16.87 33.27 6.25
CA LEU A 352 -15.68 32.48 6.69
C LEU A 352 -15.53 31.27 5.75
N ALA A 353 -16.63 30.62 5.39
CA ALA A 353 -16.68 29.50 4.40
C ALA A 353 -16.10 29.97 3.06
N PHE A 354 -16.40 31.20 2.64
CA PHE A 354 -15.84 31.72 1.37
C PHE A 354 -14.32 31.87 1.54
N PHE A 355 -13.91 32.58 2.59
CA PHE A 355 -12.49 32.86 2.88
C PHE A 355 -11.69 31.55 2.88
N ALA A 356 -12.14 30.53 3.61
CA ALA A 356 -11.45 29.22 3.72
C ALA A 356 -11.26 28.65 2.30
N ASN A 357 -12.35 28.60 1.52
CA ASN A 357 -12.35 28.19 0.08
C ASN A 357 -11.29 28.97 -0.69
N ALA A 358 -11.23 30.29 -0.48
CA ALA A 358 -10.40 31.22 -1.29
C ALA A 358 -8.93 30.86 -1.06
N LEU A 359 -8.58 30.50 0.17
CA LEU A 359 -7.18 30.23 0.61
C LEU A 359 -6.74 28.86 0.07
N GLU A 360 -7.61 27.87 0.09
CA GLU A 360 -7.33 26.55 -0.54
C GLU A 360 -7.01 26.81 -2.02
N GLU A 361 -7.86 27.57 -2.70
CA GLU A 361 -7.78 27.74 -4.17
C GLU A 361 -6.55 28.61 -4.51
N VAL A 362 -6.24 29.64 -3.73
CA VAL A 362 -5.01 30.45 -3.94
C VAL A 362 -3.78 29.55 -3.78
N SER A 363 -3.81 28.60 -2.87
CA SER A 363 -2.69 27.68 -2.60
C SER A 363 -2.45 26.82 -3.84
N ILE A 364 -3.50 26.17 -4.33
CA ILE A 364 -3.41 25.29 -5.53
C ILE A 364 -3.00 26.16 -6.72
N GLU A 365 -3.63 27.33 -6.89
CA GLU A 365 -3.43 28.17 -8.11
C GLU A 365 -2.01 28.71 -8.12
N THR A 366 -1.41 28.94 -6.94
CA THR A 366 -0.04 29.49 -6.88
C THR A 366 0.92 28.42 -7.37
N ILE A 367 0.77 27.21 -6.87
CA ILE A 367 1.62 26.06 -7.30
C ILE A 367 1.37 25.80 -8.79
N GLU A 368 0.10 25.85 -9.22
CA GLU A 368 -0.29 25.60 -10.64
C GLU A 368 0.27 26.69 -11.57
N ALA A 369 0.49 27.90 -11.06
CA ALA A 369 1.08 29.05 -11.79
C ALA A 369 2.61 28.97 -11.88
N GLY A 370 3.25 28.00 -11.21
CA GLY A 370 4.69 27.70 -11.31
C GLY A 370 5.44 28.16 -10.08
N PHE A 371 4.74 28.56 -9.02
CA PHE A 371 5.41 29.09 -7.82
C PHE A 371 5.31 28.02 -6.74
N MET A 372 6.45 27.43 -6.36
CA MET A 372 6.45 26.25 -5.49
C MET A 372 7.77 26.12 -4.73
N THR A 373 7.74 25.30 -3.69
CA THR A 373 8.91 24.91 -2.87
C THR A 373 9.61 23.74 -3.57
N LYS A 374 10.83 23.45 -3.10
CA LYS A 374 11.86 22.60 -3.76
C LYS A 374 11.30 21.20 -3.96
N ASP A 375 10.60 20.70 -2.95
CA ASP A 375 10.05 19.33 -2.93
C ASP A 375 9.19 19.22 -4.18
N LEU A 376 8.38 20.23 -4.47
CA LEU A 376 7.40 20.13 -5.57
C LEU A 376 8.15 20.27 -6.89
N ALA A 377 9.16 21.13 -6.95
CA ALA A 377 10.01 21.29 -8.16
C ALA A 377 10.72 19.97 -8.46
N ALA A 378 11.23 19.27 -7.44
CA ALA A 378 11.88 17.94 -7.56
C ALA A 378 10.93 16.90 -8.15
N CYS A 379 9.61 17.01 -7.92
CA CYS A 379 8.59 16.13 -8.54
C CYS A 379 8.47 16.38 -10.04
N ILE A 380 8.62 17.64 -10.46
CA ILE A 380 8.49 18.00 -11.90
C ILE A 380 9.79 17.62 -12.62
N LYS A 381 10.93 17.81 -11.95
CA LYS A 381 12.25 18.01 -12.59
C LYS A 381 13.16 16.79 -12.34
N GLY A 382 12.93 16.06 -11.25
CA GLY A 382 13.94 15.17 -10.66
C GLY A 382 14.88 15.95 -9.75
N LEU A 383 15.19 15.43 -8.55
CA LEU A 383 16.03 16.14 -7.55
C LEU A 383 17.39 16.48 -8.16
N PRO A 384 18.04 15.61 -8.97
CA PRO A 384 19.37 15.92 -9.51
C PRO A 384 19.40 17.15 -10.42
N ASN A 385 18.25 17.56 -10.98
CA ASN A 385 18.19 18.60 -12.04
C ASN A 385 17.48 19.86 -11.53
N VAL A 386 17.13 19.92 -10.25
CA VAL A 386 16.48 21.14 -9.68
C VAL A 386 17.54 22.22 -9.51
N GLN A 387 17.24 23.39 -10.03
CA GLN A 387 18.01 24.65 -9.89
C GLN A 387 17.29 25.55 -8.90
N ARG A 388 18.03 26.44 -8.24
CA ARG A 388 17.52 27.45 -7.29
C ARG A 388 16.37 28.20 -7.99
N SER A 389 16.49 28.48 -9.28
CA SER A 389 15.49 29.25 -10.07
C SER A 389 14.21 28.42 -10.30
N ASP A 390 14.20 27.12 -10.03
CA ASP A 390 12.94 26.34 -10.19
C ASP A 390 11.99 26.51 -8.99
N TYR A 391 12.41 27.06 -7.86
CA TYR A 391 11.56 27.03 -6.63
C TYR A 391 11.69 28.33 -5.82
N LEU A 392 10.88 28.47 -4.76
CA LEU A 392 10.94 29.59 -3.77
C LEU A 392 11.43 29.00 -2.43
N ASN A 393 12.12 29.79 -1.61
CA ASN A 393 12.37 29.41 -0.20
C ASN A 393 11.05 29.58 0.58
N THR A 394 11.00 29.07 1.81
CA THR A 394 9.80 29.04 2.70
C THR A 394 9.17 30.44 2.76
N PHE A 395 9.97 31.48 2.98
CA PHE A 395 9.51 32.87 3.23
C PHE A 395 9.05 33.48 1.90
N GLU A 396 9.79 33.22 0.82
CA GLU A 396 9.43 33.69 -0.53
C GLU A 396 8.07 33.11 -0.93
N PHE A 397 7.83 31.81 -0.67
CA PHE A 397 6.58 31.11 -1.04
C PHE A 397 5.37 31.61 -0.21
N MET A 398 5.51 31.74 1.11
CA MET A 398 4.51 32.38 2.02
C MET A 398 4.20 33.83 1.60
N ASP A 399 5.18 34.61 1.13
CA ASP A 399 4.94 36.00 0.65
C ASP A 399 4.11 35.95 -0.65
N LYS A 400 4.43 35.02 -1.55
CA LYS A 400 3.70 34.88 -2.83
C LYS A 400 2.23 34.52 -2.56
N LEU A 401 1.95 33.61 -1.62
CA LEU A 401 0.54 33.24 -1.31
C LEU A 401 -0.18 34.46 -0.72
N GLY A 402 0.48 35.18 0.19
CA GLY A 402 0.00 36.46 0.74
C GLY A 402 -0.36 37.44 -0.37
N GLU A 403 0.54 37.67 -1.32
CA GLU A 403 0.25 38.55 -2.48
C GLU A 403 -1.04 38.04 -3.17
N ASN A 404 -1.11 36.76 -3.55
CA ASN A 404 -2.24 36.21 -4.36
C ASN A 404 -3.55 36.23 -3.56
N LEU A 405 -3.49 35.95 -2.25
CA LEU A 405 -4.68 35.92 -1.37
C LEU A 405 -5.31 37.32 -1.33
N LYS A 406 -4.48 38.34 -1.12
CA LYS A 406 -4.93 39.76 -1.13
C LYS A 406 -5.74 40.01 -2.41
N ILE A 407 -5.14 39.64 -3.54
CA ILE A 407 -5.70 39.93 -4.89
C ILE A 407 -7.01 39.16 -5.06
N LYS A 408 -7.05 37.88 -4.79
CA LYS A 408 -8.31 37.10 -4.91
C LYS A 408 -9.40 37.70 -4.02
N LEU A 409 -9.08 38.05 -2.75
CA LEU A 409 -10.09 38.66 -1.83
C LEU A 409 -10.56 40.04 -2.33
N ALA A 410 -9.67 40.87 -2.88
CA ALA A 410 -10.04 42.20 -3.45
C ALA A 410 -11.03 42.03 -4.61
N GLN A 411 -10.70 41.12 -5.53
CA GLN A 411 -11.56 40.73 -6.68
C GLN A 411 -12.91 40.18 -6.22
N ALA A 412 -12.95 39.32 -5.19
CA ALA A 412 -14.20 38.74 -4.67
C ALA A 412 -15.17 39.82 -4.15
N LYS A 413 -14.71 41.04 -3.85
CA LYS A 413 -15.60 42.16 -3.41
C LYS A 413 -16.36 42.71 -4.64
N LEU A 414 -17.10 41.83 -5.33
CA LEU A 414 -17.97 42.13 -6.50
C LEU A 414 -19.23 41.24 -6.43
N SER A 415 -19.54 40.72 -5.23
CA SER A 415 -20.59 39.69 -4.95
C SER A 415 -21.21 39.96 -3.56
N LYS B 3 19.92 -27.70 -35.80
CA LYS B 3 19.17 -28.33 -34.67
C LYS B 3 18.73 -27.23 -33.70
N LYS B 4 17.75 -27.54 -32.85
CA LYS B 4 17.23 -26.68 -31.77
C LYS B 4 17.90 -27.07 -30.44
N ILE B 5 17.69 -26.27 -29.40
CA ILE B 5 18.21 -26.51 -28.03
C ILE B 5 17.34 -27.57 -27.37
N SER B 6 17.95 -28.46 -26.58
CA SER B 6 17.23 -29.47 -25.75
C SER B 6 16.95 -28.85 -24.39
N GLY B 7 15.69 -28.49 -24.14
CA GLY B 7 15.27 -27.68 -22.99
C GLY B 7 14.90 -28.52 -21.79
N GLY B 8 14.51 -29.78 -22.02
CA GLY B 8 14.06 -30.67 -20.93
C GLY B 8 12.61 -30.41 -20.51
N SER B 9 12.24 -30.84 -19.31
CA SER B 9 10.84 -30.92 -18.82
C SER B 9 10.40 -29.53 -18.37
N VAL B 10 9.24 -29.11 -18.86
CA VAL B 10 8.58 -27.85 -18.43
C VAL B 10 7.09 -28.14 -18.33
N VAL B 11 6.49 -27.78 -17.21
CA VAL B 11 5.02 -27.81 -17.08
C VAL B 11 4.51 -26.45 -17.55
N GLU B 12 3.70 -26.48 -18.61
CA GLU B 12 3.04 -25.30 -19.20
C GLU B 12 1.54 -25.33 -18.90
N MET B 13 0.96 -24.19 -18.54
CA MET B 13 -0.48 -24.04 -18.22
C MET B 13 -1.09 -22.98 -19.15
N GLN B 14 -1.99 -23.41 -20.03
CA GLN B 14 -2.80 -22.56 -20.94
C GLN B 14 -3.91 -21.92 -20.11
N GLY B 15 -4.31 -20.72 -20.49
CA GLY B 15 -5.28 -19.92 -19.72
C GLY B 15 -6.35 -19.37 -20.63
N ASP B 16 -6.73 -18.10 -20.40
CA ASP B 16 -8.02 -17.56 -20.88
C ASP B 16 -7.75 -16.30 -21.71
N GLU B 17 -8.69 -16.02 -22.61
CA GLU B 17 -8.95 -14.70 -23.24
C GLU B 17 -7.66 -14.18 -23.87
N MET B 18 -7.30 -12.91 -23.65
CA MET B 18 -6.25 -12.26 -24.46
C MET B 18 -4.91 -12.96 -24.17
N THR B 19 -4.62 -13.29 -22.91
CA THR B 19 -3.32 -13.91 -22.54
C THR B 19 -3.16 -15.26 -23.24
N ARG B 20 -4.22 -16.04 -23.41
CA ARG B 20 -4.19 -17.31 -24.20
C ARG B 20 -3.73 -17.04 -25.64
N ILE B 21 -4.21 -15.97 -26.29
CA ILE B 21 -3.81 -15.65 -27.70
C ILE B 21 -2.28 -15.43 -27.71
N ILE B 22 -1.84 -14.48 -26.89
CA ILE B 22 -0.42 -14.06 -26.74
C ILE B 22 0.45 -15.26 -26.36
N TRP B 23 -0.06 -16.14 -25.50
CA TRP B 23 0.70 -17.31 -24.98
C TRP B 23 1.06 -18.24 -26.15
N GLU B 24 0.09 -18.52 -27.02
CA GLU B 24 0.30 -19.36 -28.22
C GLU B 24 1.31 -18.64 -29.12
N LEU B 25 1.17 -17.32 -29.31
CA LEU B 25 2.03 -16.53 -30.22
C LEU B 25 3.48 -16.60 -29.69
N ILE B 26 3.67 -16.49 -28.38
CA ILE B 26 5.00 -16.60 -27.73
C ILE B 26 5.58 -17.97 -28.05
N LYS B 27 4.79 -19.02 -27.85
CA LYS B 27 5.19 -20.42 -28.15
C LYS B 27 5.64 -20.56 -29.62
N GLU B 28 4.82 -20.11 -30.59
CA GLU B 28 5.07 -20.40 -32.03
C GLU B 28 6.22 -19.52 -32.56
N LYS B 29 6.41 -18.29 -32.06
CA LYS B 29 7.34 -17.28 -32.63
C LYS B 29 8.64 -17.16 -31.83
N LEU B 30 8.63 -17.37 -30.52
CA LEU B 30 9.81 -17.11 -29.65
C LEU B 30 10.37 -18.40 -29.03
N ILE B 31 9.56 -19.41 -28.69
CA ILE B 31 10.13 -20.60 -27.99
C ILE B 31 10.36 -21.72 -29.02
N PHE B 32 9.29 -22.28 -29.57
CA PHE B 32 9.31 -23.54 -30.35
C PHE B 32 10.27 -23.44 -31.52
N PRO B 33 10.46 -22.30 -32.21
CA PRO B 33 11.46 -22.27 -33.28
C PRO B 33 12.91 -22.49 -32.82
N TYR B 34 13.21 -22.51 -31.51
CA TYR B 34 14.61 -22.55 -30.99
C TYR B 34 14.83 -23.55 -29.85
N VAL B 35 13.75 -24.07 -29.24
CA VAL B 35 13.82 -24.94 -28.04
C VAL B 35 12.87 -26.12 -28.23
N GLU B 36 13.36 -27.34 -28.04
CA GLU B 36 12.52 -28.57 -27.96
C GLU B 36 12.28 -28.84 -26.48
N LEU B 37 11.01 -28.97 -26.07
CA LEU B 37 10.67 -29.29 -24.66
C LEU B 37 9.99 -30.67 -24.59
N ASP B 38 10.32 -31.43 -23.55
CA ASP B 38 9.45 -32.47 -22.93
C ASP B 38 8.32 -31.72 -22.22
N LEU B 39 7.32 -31.33 -23.00
CA LEU B 39 6.28 -30.36 -22.58
C LEU B 39 5.10 -31.09 -21.97
N HIS B 40 4.88 -30.87 -20.69
CA HIS B 40 3.69 -31.30 -19.92
C HIS B 40 2.70 -30.13 -19.95
N SER B 41 1.77 -30.12 -20.91
CA SER B 41 0.79 -29.03 -21.14
C SER B 41 -0.54 -29.37 -20.51
N TYR B 42 -1.02 -28.49 -19.65
CA TYR B 42 -2.33 -28.55 -19.01
C TYR B 42 -3.13 -27.35 -19.50
N ASP B 43 -4.33 -27.60 -20.01
CA ASP B 43 -5.24 -26.54 -20.46
C ASP B 43 -6.06 -26.05 -19.26
N LEU B 44 -5.69 -24.91 -18.66
CA LEU B 44 -6.44 -24.34 -17.51
C LEU B 44 -7.41 -23.27 -17.99
N GLY B 45 -7.80 -23.31 -19.27
CA GLY B 45 -8.93 -22.50 -19.78
C GLY B 45 -10.19 -22.80 -18.98
N ILE B 46 -11.04 -21.80 -18.76
CA ILE B 46 -12.23 -21.92 -17.87
C ILE B 46 -13.09 -23.13 -18.34
N GLU B 47 -13.23 -23.36 -19.64
CA GLU B 47 -14.15 -24.38 -20.18
C GLU B 47 -13.56 -25.76 -19.86
N ASN B 48 -12.26 -25.91 -19.98
CA ASN B 48 -11.62 -27.22 -19.65
C ASN B 48 -11.57 -27.41 -18.13
N ARG B 49 -11.53 -26.34 -17.33
CA ARG B 49 -11.59 -26.48 -15.86
C ARG B 49 -12.97 -27.01 -15.48
N ASP B 50 -14.01 -26.49 -16.12
CA ASP B 50 -15.44 -26.82 -15.85
C ASP B 50 -15.69 -28.27 -16.28
N ALA B 51 -15.41 -28.61 -17.53
CA ALA B 51 -15.54 -29.95 -18.10
C ALA B 51 -14.88 -30.99 -17.18
N THR B 52 -13.73 -30.69 -16.58
CA THR B 52 -12.92 -31.67 -15.79
C THR B 52 -13.22 -31.52 -14.31
N ASN B 53 -14.16 -30.64 -13.93
CA ASN B 53 -14.45 -30.36 -12.51
C ASN B 53 -13.14 -29.96 -11.81
N ASP B 54 -12.33 -29.15 -12.48
CA ASP B 54 -11.10 -28.49 -11.96
C ASP B 54 -10.03 -29.54 -11.65
N GLN B 55 -10.19 -30.76 -12.19
CA GLN B 55 -9.17 -31.83 -12.01
C GLN B 55 -7.89 -31.42 -12.72
N VAL B 56 -8.00 -30.76 -13.87
CA VAL B 56 -6.81 -30.31 -14.66
C VAL B 56 -5.93 -29.42 -13.78
N THR B 57 -6.50 -28.59 -12.90
CA THR B 57 -5.73 -27.64 -12.07
C THR B 57 -4.90 -28.43 -11.06
N LYS B 58 -5.53 -29.38 -10.39
CA LYS B 58 -4.88 -30.26 -9.40
C LYS B 58 -3.76 -31.07 -10.06
N ASP B 59 -3.94 -31.56 -11.31
CA ASP B 59 -2.91 -32.41 -11.98
C ASP B 59 -1.73 -31.52 -12.37
N ALA B 60 -2.02 -30.31 -12.82
CA ALA B 60 -0.98 -29.34 -13.24
C ALA B 60 -0.08 -29.02 -12.02
N ALA B 61 -0.66 -28.82 -10.84
CA ALA B 61 0.12 -28.51 -9.62
C ALA B 61 1.03 -29.69 -9.30
N GLU B 62 0.46 -30.91 -9.33
CA GLU B 62 1.24 -32.16 -9.05
C GLU B 62 2.41 -32.25 -10.02
N ALA B 63 2.18 -31.91 -11.28
CA ALA B 63 3.19 -31.99 -12.36
C ALA B 63 4.31 -30.97 -12.07
N ILE B 64 3.98 -29.79 -11.52
CA ILE B 64 4.99 -28.77 -11.15
C ILE B 64 5.87 -29.35 -10.04
N LYS B 65 5.28 -29.97 -9.02
CA LYS B 65 6.00 -30.63 -7.91
C LYS B 65 6.96 -31.69 -8.47
N LYS B 66 6.55 -32.44 -9.51
CA LYS B 66 7.32 -33.57 -10.07
C LYS B 66 8.43 -33.05 -10.98
N HIS B 67 8.18 -32.07 -11.86
CA HIS B 67 9.14 -31.65 -12.91
C HIS B 67 9.83 -30.34 -12.56
N ASN B 68 9.41 -29.65 -11.49
CA ASN B 68 10.16 -28.60 -10.74
C ASN B 68 9.99 -27.22 -11.39
N VAL B 69 9.45 -27.13 -12.60
CA VAL B 69 9.40 -25.85 -13.34
C VAL B 69 8.00 -25.72 -13.94
N GLY B 70 7.29 -24.68 -13.57
CA GLY B 70 5.98 -24.33 -14.16
C GLY B 70 6.03 -22.95 -14.78
N VAL B 71 5.37 -22.79 -15.93
CA VAL B 71 5.13 -21.45 -16.55
C VAL B 71 3.63 -21.39 -16.75
N LYS B 72 2.97 -20.38 -16.17
CA LYS B 72 1.48 -20.32 -16.19
C LYS B 72 0.98 -19.03 -16.83
N CYS B 73 0.05 -19.22 -17.76
CA CYS B 73 -0.78 -18.20 -18.42
C CYS B 73 -1.85 -17.72 -17.44
N ALA B 74 -2.30 -16.48 -17.56
CA ALA B 74 -3.37 -15.91 -16.72
C ALA B 74 -4.66 -16.68 -16.97
N THR B 75 -5.42 -16.95 -15.92
CA THR B 75 -6.73 -17.65 -15.99
C THR B 75 -7.84 -16.77 -15.43
N ILE B 76 -9.06 -17.05 -15.83
CA ILE B 76 -10.28 -16.41 -15.26
C ILE B 76 -10.53 -17.01 -13.88
N THR B 77 -10.55 -16.17 -12.85
CA THR B 77 -11.13 -16.53 -11.52
C THR B 77 -12.61 -16.18 -11.58
N PRO B 78 -13.48 -17.22 -11.60
CA PRO B 78 -14.91 -17.03 -11.77
C PRO B 78 -15.51 -16.18 -10.63
N ASP B 79 -16.34 -15.21 -11.00
CA ASP B 79 -17.31 -14.49 -10.13
C ASP B 79 -18.72 -14.93 -10.56
N GLU B 80 -19.77 -14.32 -10.04
CA GLU B 80 -21.18 -14.68 -10.40
C GLU B 80 -21.41 -14.42 -11.89
N LYS B 81 -20.73 -13.41 -12.45
CA LYS B 81 -20.94 -12.98 -13.86
C LYS B 81 -20.31 -14.03 -14.79
N ARG B 82 -19.24 -14.70 -14.34
CA ARG B 82 -18.49 -15.72 -15.13
C ARG B 82 -19.29 -17.02 -15.12
N VAL B 83 -19.86 -17.38 -13.97
CA VAL B 83 -20.79 -18.56 -13.87
C VAL B 83 -21.87 -18.40 -14.93
N GLU B 84 -22.42 -17.20 -15.05
CA GLU B 84 -23.51 -16.87 -16.02
C GLU B 84 -22.97 -16.96 -17.45
N GLU B 85 -21.81 -16.34 -17.69
CA GLU B 85 -21.23 -16.15 -19.04
C GLU B 85 -20.90 -17.51 -19.67
N PHE B 86 -20.30 -18.43 -18.90
CA PHE B 86 -19.83 -19.77 -19.37
C PHE B 86 -20.76 -20.91 -18.90
N LYS B 87 -21.89 -20.58 -18.24
CA LYS B 87 -22.83 -21.59 -17.69
C LYS B 87 -22.03 -22.57 -16.83
N LEU B 88 -21.24 -22.07 -15.87
CA LEU B 88 -20.32 -22.94 -15.09
C LEU B 88 -21.17 -23.80 -14.16
N LYS B 89 -20.60 -24.90 -13.67
CA LYS B 89 -21.25 -25.83 -12.74
C LYS B 89 -21.14 -25.30 -11.31
N GLN B 90 -20.07 -24.57 -11.04
CA GLN B 90 -19.67 -24.14 -9.68
C GLN B 90 -18.87 -22.86 -9.86
N MET B 91 -18.76 -22.04 -8.82
CA MET B 91 -17.79 -20.93 -8.81
C MET B 91 -16.43 -21.53 -8.43
N TRP B 92 -15.67 -21.98 -9.44
CA TRP B 92 -14.37 -22.67 -9.21
C TRP B 92 -13.39 -21.71 -8.52
N LYS B 93 -12.61 -22.23 -7.59
CA LYS B 93 -11.53 -21.49 -6.91
C LYS B 93 -10.46 -21.12 -7.96
N SER B 94 -9.80 -19.99 -7.75
CA SER B 94 -8.64 -19.49 -8.53
C SER B 94 -7.66 -20.64 -8.72
N PRO B 95 -7.17 -20.91 -9.95
CA PRO B 95 -6.10 -21.88 -10.14
C PRO B 95 -4.82 -21.47 -9.41
N ASN B 96 -4.52 -20.17 -9.41
CA ASN B 96 -3.37 -19.56 -8.68
C ASN B 96 -3.44 -20.00 -7.22
N GLY B 97 -4.60 -19.81 -6.57
CA GLY B 97 -4.84 -20.27 -5.19
C GLY B 97 -4.56 -21.75 -5.03
N THR B 98 -5.22 -22.58 -5.84
CA THR B 98 -5.08 -24.06 -5.79
C THR B 98 -3.61 -24.43 -5.92
N ILE B 99 -2.89 -23.82 -6.87
CA ILE B 99 -1.46 -24.13 -7.13
C ILE B 99 -0.63 -23.65 -5.95
N ARG B 100 -0.88 -22.42 -5.47
CA ARG B 100 -0.15 -21.78 -4.34
C ARG B 100 -0.25 -22.67 -3.10
N ASN B 101 -1.47 -23.07 -2.73
CA ASN B 101 -1.69 -23.73 -1.43
C ASN B 101 -1.13 -25.16 -1.57
N ILE B 102 -1.10 -25.73 -2.78
CA ILE B 102 -0.49 -27.06 -3.02
C ILE B 102 1.05 -26.96 -2.91
N LEU B 103 1.68 -25.95 -3.52
CA LEU B 103 3.16 -25.84 -3.58
C LEU B 103 3.73 -25.12 -2.34
N GLY B 104 3.02 -24.13 -1.78
CA GLY B 104 3.53 -23.24 -0.71
C GLY B 104 4.74 -22.45 -1.15
N GLY B 105 5.53 -21.95 -0.20
CA GLY B 105 6.77 -21.19 -0.48
C GLY B 105 6.54 -19.68 -0.51
N THR B 106 7.40 -18.98 -1.25
CA THR B 106 7.55 -17.51 -1.24
C THR B 106 7.29 -16.97 -2.64
N VAL B 107 6.45 -15.95 -2.76
CA VAL B 107 6.21 -15.27 -4.06
C VAL B 107 7.10 -14.02 -4.16
N PHE B 108 7.78 -13.86 -5.28
CA PHE B 108 8.63 -12.69 -5.61
C PHE B 108 8.02 -12.01 -6.81
N ARG B 109 7.70 -10.72 -6.69
CA ARG B 109 7.20 -9.90 -7.81
C ARG B 109 8.28 -8.88 -8.14
N GLU B 110 8.42 -8.56 -9.42
CA GLU B 110 9.53 -7.80 -10.02
C GLU B 110 9.01 -7.14 -11.28
N ALA B 111 9.14 -5.82 -11.36
CA ALA B 111 8.85 -5.03 -12.56
C ALA B 111 10.01 -5.21 -13.55
N ILE B 112 9.71 -5.17 -14.84
CA ILE B 112 10.72 -5.14 -15.91
C ILE B 112 10.99 -3.69 -16.28
N ILE B 113 12.26 -3.28 -16.15
CA ILE B 113 12.73 -1.88 -16.33
C ILE B 113 13.25 -1.70 -17.75
N CYS B 114 12.70 -0.71 -18.45
CA CYS B 114 13.23 -0.15 -19.71
C CYS B 114 13.72 1.27 -19.49
N LYS B 115 14.80 1.65 -20.16
CA LYS B 115 15.42 2.99 -20.01
C LYS B 115 14.41 4.07 -20.44
N ASN B 116 13.59 3.81 -21.45
CA ASN B 116 12.69 4.85 -22.04
C ASN B 116 11.26 4.74 -21.50
N ILE B 117 10.97 3.85 -20.56
CA ILE B 117 9.59 3.76 -19.96
C ILE B 117 9.69 4.36 -18.57
N PRO B 118 8.94 5.43 -18.24
CA PRO B 118 9.09 6.09 -16.95
C PRO B 118 8.67 5.14 -15.84
N ARG B 119 9.27 5.30 -14.67
CA ARG B 119 8.97 4.54 -13.45
C ARG B 119 8.08 5.43 -12.57
N LEU B 120 7.33 4.84 -11.62
CA LEU B 120 6.51 5.58 -10.62
C LEU B 120 7.41 6.59 -9.90
N VAL B 121 8.68 6.25 -9.64
CA VAL B 121 9.74 7.17 -9.13
C VAL B 121 10.90 7.19 -10.14
N SER B 122 11.34 8.36 -10.60
CA SER B 122 12.44 8.54 -11.59
C SER B 122 13.72 7.83 -11.12
N GLY B 123 14.10 7.99 -9.85
CA GLY B 123 15.30 7.35 -9.28
C GLY B 123 15.38 5.87 -9.64
N TRP B 124 14.24 5.16 -9.66
CA TRP B 124 14.20 3.68 -9.90
C TRP B 124 14.76 3.38 -11.29
N VAL B 125 16.01 2.89 -11.33
CA VAL B 125 16.64 2.51 -12.63
C VAL B 125 17.06 1.05 -12.57
N LYS B 126 16.94 0.42 -11.39
CA LYS B 126 17.23 -1.01 -11.14
C LYS B 126 16.00 -1.65 -10.50
N PRO B 127 15.79 -2.97 -10.69
CA PRO B 127 14.54 -3.60 -10.27
C PRO B 127 14.47 -3.68 -8.74
N ILE B 128 13.26 -3.51 -8.23
CA ILE B 128 12.89 -3.79 -6.82
C ILE B 128 12.09 -5.09 -6.80
N ILE B 129 12.66 -6.12 -6.16
CA ILE B 129 12.02 -7.46 -6.03
C ILE B 129 11.41 -7.58 -4.63
N ILE B 130 10.08 -7.72 -4.57
CA ILE B 130 9.32 -7.92 -3.29
C ILE B 130 9.09 -9.42 -3.11
N GLY B 131 9.57 -9.97 -1.99
CA GLY B 131 9.22 -11.32 -1.54
C GLY B 131 8.15 -11.27 -0.46
N HIS B 132 7.12 -12.10 -0.54
CA HIS B 132 6.15 -12.30 0.57
C HIS B 132 5.85 -13.80 0.68
N HIS B 133 5.56 -14.29 1.89
CA HIS B 133 5.20 -15.72 2.12
C HIS B 133 3.80 -16.00 1.53
N ALA B 134 3.57 -17.22 1.03
CA ALA B 134 2.27 -17.71 0.50
C ALA B 134 1.64 -18.72 1.48
N ASP B 137 -0.53 -16.11 6.67
CA ASP B 137 -0.49 -15.48 8.02
C ASP B 137 -1.95 -15.30 8.46
N GLN B 138 -2.68 -14.50 7.68
CA GLN B 138 -4.12 -14.22 7.86
C GLN B 138 -4.94 -15.36 7.23
N TYR B 139 -4.31 -16.26 6.47
CA TYR B 139 -5.00 -17.43 5.83
C TYR B 139 -5.22 -18.54 6.87
N ARG B 140 -4.37 -18.62 7.91
CA ARG B 140 -4.44 -19.67 8.97
C ARG B 140 -4.85 -19.04 10.32
N ALA B 141 -5.65 -17.98 10.30
CA ALA B 141 -6.12 -17.27 11.53
C ALA B 141 -7.49 -17.85 11.96
N THR B 142 -7.76 -17.87 13.26
CA THR B 142 -9.08 -18.23 13.82
C THR B 142 -9.75 -16.95 14.27
N ASP B 143 -10.85 -16.57 13.64
CA ASP B 143 -11.62 -15.34 13.95
C ASP B 143 -13.02 -15.76 14.42
N PHE B 144 -13.61 -14.98 15.31
CA PHE B 144 -14.94 -15.27 15.85
C PHE B 144 -15.59 -14.01 16.40
N VAL B 145 -16.87 -14.17 16.70
CA VAL B 145 -17.78 -13.11 17.19
C VAL B 145 -17.69 -13.15 18.70
N VAL B 146 -17.49 -11.99 19.31
CA VAL B 146 -17.62 -11.81 20.78
C VAL B 146 -19.05 -11.31 20.91
N PRO B 147 -19.97 -12.23 21.30
CA PRO B 147 -21.41 -11.95 21.26
C PRO B 147 -21.86 -10.87 22.26
N GLY B 148 -21.07 -10.64 23.31
CA GLY B 148 -21.39 -9.61 24.31
C GLY B 148 -20.25 -9.42 25.32
N PRO B 149 -20.48 -8.60 26.36
CA PRO B 149 -19.47 -8.33 27.38
C PRO B 149 -18.76 -9.56 27.95
N GLY B 150 -17.47 -9.40 28.22
CA GLY B 150 -16.64 -10.41 28.89
C GLY B 150 -15.21 -10.31 28.41
N LYS B 151 -14.37 -11.22 28.89
CA LYS B 151 -12.89 -11.20 28.76
C LYS B 151 -12.49 -12.08 27.55
N VAL B 152 -11.74 -11.51 26.62
CA VAL B 152 -11.08 -12.32 25.57
C VAL B 152 -9.61 -12.37 25.97
N GLU B 153 -9.07 -13.59 26.02
CA GLU B 153 -7.73 -13.90 26.51
C GLU B 153 -7.09 -14.88 25.53
N ILE B 154 -5.77 -14.84 25.46
CA ILE B 154 -4.95 -15.81 24.68
C ILE B 154 -3.91 -16.40 25.63
N THR B 155 -3.69 -17.68 25.51
CA THR B 155 -3.08 -18.49 26.57
C THR B 155 -2.20 -19.51 25.87
N TYR B 156 -1.02 -19.74 26.43
CA TYR B 156 0.00 -20.67 25.93
C TYR B 156 0.29 -21.65 27.04
N THR B 157 0.20 -22.93 26.70
CA THR B 157 0.44 -24.09 27.56
C THR B 157 1.49 -24.93 26.84
N PRO B 158 2.73 -25.00 27.38
CA PRO B 158 3.79 -25.83 26.80
C PRO B 158 3.42 -27.31 26.97
N SER B 159 3.79 -28.19 26.04
CA SER B 159 3.35 -29.62 26.11
C SER B 159 3.93 -30.29 27.35
N ASP B 160 5.06 -29.82 27.89
CA ASP B 160 5.68 -30.34 29.13
C ASP B 160 4.83 -30.01 30.38
N GLY B 161 3.95 -29.01 30.34
CA GLY B 161 3.02 -28.70 31.44
C GLY B 161 3.64 -27.86 32.54
N THR B 162 4.81 -27.25 32.33
CA THR B 162 5.57 -26.52 33.37
C THR B 162 5.12 -25.05 33.51
N GLN B 163 4.19 -24.57 32.67
CA GLN B 163 3.77 -23.16 32.77
C GLN B 163 2.43 -22.97 32.09
N LYS B 164 1.78 -21.87 32.42
CA LYS B 164 0.54 -21.38 31.79
C LYS B 164 0.67 -19.86 31.74
N VAL B 165 0.61 -19.31 30.54
CA VAL B 165 0.71 -17.85 30.34
C VAL B 165 -0.63 -17.40 29.77
N THR B 166 -1.26 -16.38 30.36
CA THR B 166 -2.55 -15.83 29.89
C THR B 166 -2.34 -14.34 29.67
N TYR B 167 -2.60 -13.88 28.45
CA TYR B 167 -2.60 -12.45 28.09
C TYR B 167 -4.04 -12.01 27.86
N LEU B 168 -4.43 -10.87 28.42
CA LEU B 168 -5.72 -10.20 28.11
C LEU B 168 -5.64 -9.70 26.67
N VAL B 169 -6.57 -10.07 25.81
CA VAL B 169 -6.67 -9.45 24.48
C VAL B 169 -7.50 -8.18 24.65
N HIS B 170 -8.66 -8.32 25.30
CA HIS B 170 -9.56 -7.18 25.62
C HIS B 170 -10.61 -7.64 26.62
N ASN B 171 -10.92 -6.75 27.56
CA ASN B 171 -12.13 -6.84 28.40
C ASN B 171 -13.25 -6.06 27.71
N PHE B 172 -14.19 -6.78 27.09
CA PHE B 172 -15.39 -6.18 26.50
C PHE B 172 -16.32 -5.80 27.65
N GLU B 173 -16.66 -4.51 27.73
CA GLU B 173 -17.48 -3.92 28.83
C GLU B 173 -18.77 -3.28 28.28
N GLU B 174 -18.77 -2.87 27.01
CA GLU B 174 -19.84 -2.06 26.39
C GLU B 174 -20.27 -2.79 25.12
N GLY B 175 -20.94 -3.92 25.27
CA GLY B 175 -21.37 -4.75 24.13
C GLY B 175 -20.26 -5.69 23.65
N GLY B 176 -20.41 -6.20 22.43
CA GLY B 176 -19.51 -7.24 21.88
C GLY B 176 -18.66 -6.70 20.75
N GLY B 177 -18.23 -7.58 19.87
CA GLY B 177 -17.36 -7.28 18.75
C GLY B 177 -16.86 -8.56 18.13
N VAL B 178 -15.61 -8.54 17.67
CA VAL B 178 -14.92 -9.65 16.99
C VAL B 178 -13.52 -9.82 17.62
N ALA B 179 -12.95 -11.00 17.53
CA ALA B 179 -11.57 -11.26 18.00
C ALA B 179 -10.93 -12.33 17.10
N MET B 180 -9.65 -12.59 17.27
CA MET B 180 -8.84 -13.26 16.24
C MET B 180 -7.50 -13.67 16.84
N GLY B 181 -7.15 -14.94 16.72
CA GLY B 181 -5.82 -15.50 16.95
C GLY B 181 -5.10 -15.68 15.63
N MET B 182 -3.80 -15.42 15.62
CA MET B 182 -2.90 -15.60 14.46
C MET B 182 -1.61 -16.22 15.00
N TYR B 183 -0.93 -17.02 14.19
CA TYR B 183 0.34 -17.67 14.56
C TYR B 183 1.26 -17.79 13.34
N ASN B 184 2.50 -18.14 13.65
CA ASN B 184 3.55 -18.49 12.67
C ASN B 184 4.50 -19.47 13.33
N GLN B 185 4.82 -20.56 12.62
CA GLN B 185 5.83 -21.56 13.05
C GLN B 185 7.21 -21.05 12.63
N ASP B 186 8.24 -21.35 13.41
CA ASP B 186 9.64 -20.94 13.14
C ASP B 186 10.08 -21.47 11.77
N LYS B 187 9.71 -22.71 11.42
CA LYS B 187 10.04 -23.31 10.10
C LYS B 187 9.54 -22.40 8.96
N SER B 188 8.31 -21.89 9.02
CA SER B 188 7.75 -21.01 7.96
C SER B 188 8.58 -19.73 7.82
N ILE B 189 9.06 -19.15 8.91
CA ILE B 189 9.87 -17.90 8.86
C ILE B 189 11.24 -18.23 8.26
N GLU B 190 11.79 -19.38 8.65
CA GLU B 190 13.08 -19.92 8.14
C GLU B 190 12.99 -20.16 6.63
N ASP B 191 11.94 -20.82 6.17
CA ASP B 191 11.72 -21.05 4.71
C ASP B 191 11.75 -19.71 4.00
N PHE B 192 11.15 -18.67 4.61
CA PHE B 192 10.96 -17.33 3.99
C PHE B 192 12.33 -16.63 3.89
N ALA B 193 13.13 -16.74 4.95
CA ALA B 193 14.51 -16.21 5.01
C ALA B 193 15.40 -16.91 3.96
N HIS B 194 15.40 -18.25 3.89
CA HIS B 194 16.29 -19.02 2.99
C HIS B 194 16.01 -18.61 1.55
N SER B 195 14.75 -18.64 1.15
CA SER B 195 14.28 -18.14 -0.17
C SER B 195 14.82 -16.72 -0.39
N SER B 196 14.68 -15.83 0.60
CA SER B 196 14.99 -14.40 0.44
C SER B 196 16.49 -14.20 0.23
N PHE B 197 17.31 -14.86 1.04
CA PHE B 197 18.79 -14.87 0.95
C PHE B 197 19.21 -15.49 -0.40
N GLN B 198 18.59 -16.61 -0.80
CA GLN B 198 18.98 -17.30 -2.05
C GLN B 198 18.70 -16.37 -3.23
N MET B 199 17.54 -15.71 -3.23
CA MET B 199 17.13 -14.76 -4.30
C MET B 199 18.14 -13.62 -4.39
N ALA B 200 18.58 -13.08 -3.26
CA ALA B 200 19.55 -11.98 -3.22
C ALA B 200 20.89 -12.44 -3.80
N LEU B 201 21.36 -13.65 -3.43
CA LEU B 201 22.65 -14.21 -3.93
C LEU B 201 22.52 -14.51 -5.43
N SER B 202 21.40 -15.10 -5.83
CA SER B 202 21.10 -15.43 -7.24
C SER B 202 21.07 -14.18 -8.13
N LYS B 203 20.72 -13.00 -7.60
CA LYS B 203 20.50 -11.78 -8.42
C LYS B 203 21.65 -10.79 -8.24
N GLY B 204 22.49 -10.98 -7.23
CA GLY B 204 23.60 -10.06 -6.90
C GLY B 204 23.11 -8.76 -6.31
N TRP B 205 21.93 -8.73 -5.66
CA TRP B 205 21.37 -7.51 -5.01
C TRP B 205 21.37 -7.68 -3.50
N PRO B 206 21.47 -6.57 -2.74
CA PRO B 206 21.30 -6.62 -1.29
C PRO B 206 19.85 -6.95 -0.92
N LEU B 207 19.65 -7.47 0.30
CA LEU B 207 18.32 -7.87 0.82
C LEU B 207 17.95 -7.02 2.04
N TYR B 208 16.75 -6.45 2.03
CA TYR B 208 16.12 -5.82 3.20
C TYR B 208 14.89 -6.62 3.64
N LEU B 209 14.82 -6.93 4.95
CA LEU B 209 13.58 -7.37 5.63
C LEU B 209 12.91 -6.16 6.26
N SER B 210 11.62 -5.98 6.02
CA SER B 210 10.79 -4.95 6.65
C SER B 210 9.79 -5.64 7.60
N THR B 211 9.64 -5.08 8.79
CA THR B 211 8.60 -5.46 9.78
C THR B 211 8.13 -4.22 10.52
N LYS B 212 7.13 -4.43 11.39
CA LYS B 212 6.57 -3.41 12.30
C LYS B 212 6.93 -3.82 13.74
N ASN B 213 8.21 -4.03 14.02
CA ASN B 213 8.67 -4.53 15.34
C ASN B 213 8.69 -3.41 16.39
N THR B 214 8.33 -2.17 16.03
CA THR B 214 8.06 -1.08 17.02
C THR B 214 6.75 -1.40 17.75
N ILE B 215 5.78 -2.01 17.08
CA ILE B 215 4.42 -2.29 17.63
C ILE B 215 4.33 -3.76 18.03
N LEU B 216 4.53 -4.66 17.07
CA LEU B 216 4.58 -6.12 17.34
C LEU B 216 6.00 -6.50 17.74
N LYS B 217 6.41 -6.12 18.95
CA LYS B 217 7.81 -6.25 19.43
C LYS B 217 8.21 -7.73 19.41
N LYS B 218 7.26 -8.63 19.66
CA LYS B 218 7.56 -10.08 19.74
C LYS B 218 7.26 -10.77 18.41
N TYR B 219 6.06 -10.59 17.87
CA TYR B 219 5.67 -11.27 16.62
C TYR B 219 6.72 -10.94 15.55
N ASP B 220 6.95 -9.65 15.28
CA ASP B 220 7.87 -9.24 14.20
C ASP B 220 9.31 -9.34 14.70
N GLY B 221 9.53 -9.19 16.01
CA GLY B 221 10.82 -9.46 16.67
C GLY B 221 11.38 -10.81 16.26
N ARG B 222 10.57 -11.86 16.29
CA ARG B 222 11.02 -13.23 15.96
C ARG B 222 11.46 -13.25 14.48
N PHE B 223 10.73 -12.60 13.58
CA PHE B 223 11.11 -12.52 12.15
C PHE B 223 12.51 -11.91 12.03
N LYS B 224 12.67 -10.72 12.58
CA LYS B 224 13.96 -10.01 12.57
C LYS B 224 15.06 -10.93 13.10
N ASP B 225 14.82 -11.60 14.21
CA ASP B 225 15.85 -12.45 14.88
C ASP B 225 16.22 -13.64 13.99
N ILE B 226 15.24 -14.35 13.45
CA ILE B 226 15.52 -15.59 12.67
C ILE B 226 16.30 -15.21 11.40
N PHE B 227 15.96 -14.08 10.76
CA PHE B 227 16.65 -13.62 9.53
C PHE B 227 18.12 -13.32 9.86
N GLN B 228 18.37 -12.60 10.95
CA GLN B 228 19.73 -12.21 11.40
C GLN B 228 20.53 -13.47 11.72
N GLU B 229 19.92 -14.40 12.47
CA GLU B 229 20.52 -15.71 12.86
C GLU B 229 20.95 -16.44 11.58
N ILE B 230 20.03 -16.59 10.62
CA ILE B 230 20.30 -17.39 9.40
C ILE B 230 21.39 -16.69 8.57
N TYR B 231 21.37 -15.37 8.49
CA TYR B 231 22.41 -14.58 7.77
C TYR B 231 23.78 -14.88 8.38
N ASP B 232 23.97 -14.50 9.65
CA ASP B 232 25.24 -14.63 10.43
C ASP B 232 25.77 -16.06 10.39
N LYS B 233 24.92 -17.07 10.30
CA LYS B 233 25.31 -18.50 10.41
C LYS B 233 25.61 -19.08 9.04
N GLN B 234 24.96 -18.65 7.95
CA GLN B 234 25.15 -19.39 6.68
C GLN B 234 25.05 -18.53 5.42
N TYR B 235 24.98 -17.20 5.48
CA TYR B 235 24.92 -16.40 4.22
C TYR B 235 25.89 -15.20 4.24
N LYS B 236 26.24 -14.64 5.40
CA LYS B 236 27.12 -13.43 5.54
C LYS B 236 28.35 -13.56 4.63
N SER B 237 29.06 -14.71 4.71
CA SER B 237 30.24 -15.04 3.87
C SER B 237 29.95 -14.76 2.40
N GLN B 238 29.00 -15.47 1.82
CA GLN B 238 28.66 -15.41 0.37
C GLN B 238 28.16 -14.01 0.01
N PHE B 239 27.47 -13.32 0.93
CA PHE B 239 26.97 -11.94 0.72
C PHE B 239 28.16 -11.00 0.57
N GLU B 240 29.20 -11.16 1.39
CA GLU B 240 30.42 -10.31 1.37
C GLU B 240 31.23 -10.67 0.12
N ALA B 241 31.38 -11.97 -0.17
CA ALA B 241 31.89 -12.44 -1.48
C ALA B 241 31.28 -11.58 -2.60
N GLN B 242 29.95 -11.53 -2.76
CA GLN B 242 29.28 -10.84 -3.90
C GLN B 242 29.10 -9.34 -3.63
N LYS B 243 29.68 -8.79 -2.55
CA LYS B 243 29.72 -7.34 -2.21
C LYS B 243 28.30 -6.80 -2.01
N ILE B 244 27.40 -7.63 -1.52
CA ILE B 244 26.00 -7.24 -1.16
C ILE B 244 25.86 -7.38 0.36
N TRP B 245 24.68 -7.15 0.92
CA TRP B 245 24.47 -7.18 2.39
C TRP B 245 23.00 -7.48 2.71
N TYR B 246 22.72 -7.69 4.00
CA TYR B 246 21.37 -7.89 4.58
C TYR B 246 21.21 -7.01 5.82
N GLU B 247 20.07 -6.30 5.89
CA GLU B 247 19.68 -5.43 7.04
C GLU B 247 18.17 -5.50 7.23
N HIS B 248 17.74 -5.51 8.50
CA HIS B 248 16.34 -5.28 8.89
C HIS B 248 16.04 -3.80 8.70
N ARG B 249 14.80 -3.46 8.37
CA ARG B 249 14.33 -2.06 8.32
C ARG B 249 12.89 -2.02 8.88
N LEU B 250 12.59 -1.06 9.76
CA LEU B 250 11.20 -0.69 10.13
C LEU B 250 10.49 -0.33 8.83
N ILE B 251 9.28 -0.82 8.62
CA ILE B 251 8.56 -0.60 7.34
C ILE B 251 8.51 0.92 7.09
N ASP B 252 8.29 1.74 8.13
CA ASP B 252 8.18 3.22 8.01
C ASP B 252 9.46 3.78 7.41
N ASP B 253 10.61 3.29 7.86
CA ASP B 253 11.93 3.69 7.31
C ASP B 253 12.02 3.15 5.89
N MET B 254 11.68 1.87 5.69
CA MET B 254 11.98 1.13 4.43
C MET B 254 11.30 1.83 3.24
N VAL B 255 10.04 2.24 3.39
CA VAL B 255 9.29 2.89 2.28
C VAL B 255 10.01 4.19 1.87
N ALA B 256 10.28 5.09 2.82
CA ALA B 256 10.91 6.40 2.59
C ALA B 256 12.26 6.16 1.89
N GLN B 257 13.06 5.24 2.42
CA GLN B 257 14.37 4.94 1.81
C GLN B 257 14.13 4.49 0.37
N ALA B 258 13.20 3.54 0.17
CA ALA B 258 12.89 2.93 -1.14
C ALA B 258 12.51 4.02 -2.17
N MET B 259 11.68 5.01 -1.80
CA MET B 259 11.23 6.11 -2.73
C MET B 259 12.43 7.01 -3.10
N LYS B 260 13.50 7.02 -2.31
CA LYS B 260 14.65 7.92 -2.55
C LYS B 260 15.81 7.11 -3.14
N SER B 261 15.61 5.82 -3.41
CA SER B 261 16.69 4.90 -3.86
C SER B 261 16.74 4.83 -5.39
N GLU B 262 17.70 4.06 -5.91
CA GLU B 262 17.84 3.76 -7.35
C GLU B 262 17.25 2.37 -7.66
N GLY B 263 16.79 1.64 -6.63
CA GLY B 263 16.34 0.25 -6.77
C GLY B 263 17.52 -0.70 -6.70
N GLY B 264 17.41 -1.89 -7.29
CA GLY B 264 18.45 -2.94 -7.23
C GLY B 264 18.52 -3.53 -5.84
N PHE B 265 17.41 -4.02 -5.30
CA PHE B 265 17.42 -4.76 -4.01
C PHE B 265 16.23 -5.71 -3.91
N ILE B 266 16.42 -6.76 -3.12
CA ILE B 266 15.36 -7.72 -2.69
C ILE B 266 14.75 -7.18 -1.41
N TRP B 267 13.42 -7.18 -1.34
CA TRP B 267 12.62 -6.62 -0.23
C TRP B 267 11.70 -7.72 0.30
N ALA B 268 12.14 -8.40 1.35
CA ALA B 268 11.34 -9.37 2.12
C ALA B 268 10.31 -8.60 2.95
N CYS B 269 9.05 -8.71 2.59
CA CYS B 269 7.89 -7.96 3.16
C CYS B 269 7.09 -8.88 4.07
N LYS B 270 7.39 -8.89 5.38
CA LYS B 270 6.48 -9.41 6.44
C LYS B 270 5.36 -8.37 6.61
N ASN B 271 4.13 -8.72 6.24
CA ASN B 271 3.03 -7.74 6.10
C ASN B 271 1.76 -8.52 5.82
N TYR B 272 0.94 -8.79 6.84
CA TYR B 272 -0.42 -9.34 6.63
C TYR B 272 -1.14 -8.48 5.58
N ASP B 273 -0.87 -7.16 5.51
CA ASP B 273 -1.43 -6.23 4.49
C ASP B 273 -0.98 -6.64 3.08
N GLY B 274 -0.23 -7.74 2.94
CA GLY B 274 0.80 -7.93 1.90
C GLY B 274 0.55 -9.10 0.95
N ASP B 275 0.20 -8.77 -0.29
CA ASP B 275 0.11 -9.66 -1.47
C ASP B 275 -0.11 -8.73 -2.68
N VAL B 276 0.23 -9.17 -3.89
CA VAL B 276 0.36 -8.30 -5.10
C VAL B 276 -0.99 -7.60 -5.39
N GLN B 277 -2.11 -8.24 -5.04
CA GLN B 277 -3.46 -7.79 -5.49
C GLN B 277 -3.86 -6.54 -4.69
N SER B 278 -3.42 -6.43 -3.42
CA SER B 278 -3.66 -5.26 -2.53
C SER B 278 -2.44 -4.31 -2.45
N ASP B 279 -1.49 -4.38 -3.39
CA ASP B 279 -0.31 -3.47 -3.51
C ASP B 279 -0.50 -2.51 -4.70
N SER B 280 -0.69 -1.23 -4.41
CA SER B 280 -1.04 -0.17 -5.39
C SER B 280 0.12 0.13 -6.34
N VAL B 281 1.35 0.14 -5.83
CA VAL B 281 2.57 0.35 -6.67
C VAL B 281 2.63 -0.78 -7.72
N ALA B 282 2.40 -2.03 -7.30
CA ALA B 282 2.53 -3.24 -8.15
C ALA B 282 1.42 -3.25 -9.21
N GLN B 283 0.23 -2.78 -8.85
CA GLN B 283 -0.92 -2.68 -9.77
C GLN B 283 -0.57 -1.67 -10.86
N GLY B 284 0.09 -0.57 -10.49
CA GLY B 284 0.51 0.49 -11.41
C GLY B 284 1.17 -0.14 -12.61
N TYR B 285 2.22 -0.92 -12.36
CA TYR B 285 3.16 -1.47 -13.38
C TYR B 285 2.70 -2.87 -13.85
N GLY B 286 2.02 -3.62 -12.99
CA GLY B 286 1.41 -4.92 -13.36
C GLY B 286 0.47 -4.75 -14.54
N SER B 287 -0.40 -3.75 -14.48
CA SER B 287 -1.44 -3.43 -15.50
C SER B 287 -0.81 -2.81 -16.74
N LEU B 288 0.50 -2.54 -16.73
CA LEU B 288 1.26 -2.19 -17.95
C LEU B 288 1.72 -3.47 -18.66
N GLY B 289 1.58 -4.64 -18.04
CA GLY B 289 2.18 -5.89 -18.54
C GLY B 289 3.69 -5.94 -18.36
N MET B 290 4.21 -5.30 -17.32
CA MET B 290 5.67 -5.19 -17.08
C MET B 290 6.01 -5.77 -15.72
N MET B 291 5.19 -6.69 -15.21
CA MET B 291 5.45 -7.29 -13.89
C MET B 291 5.31 -8.81 -13.94
N THR B 292 6.31 -9.52 -13.41
CA THR B 292 6.31 -10.99 -13.23
C THR B 292 6.13 -11.35 -11.76
N SER B 293 5.73 -12.60 -11.55
CA SER B 293 5.49 -13.19 -10.22
C SER B 293 6.01 -14.62 -10.27
N VAL B 294 7.03 -14.90 -9.47
CA VAL B 294 7.67 -16.24 -9.41
C VAL B 294 7.41 -16.81 -8.00
N LEU B 295 6.78 -17.98 -7.93
CA LEU B 295 6.64 -18.72 -6.67
C LEU B 295 7.87 -19.62 -6.56
N VAL B 296 8.52 -19.60 -5.40
CA VAL B 296 9.82 -20.30 -5.15
C VAL B 296 9.63 -21.17 -3.92
N CYS B 297 9.67 -22.48 -4.07
CA CYS B 297 9.33 -23.43 -2.97
C CYS B 297 10.49 -23.47 -1.97
N PRO B 298 10.24 -23.92 -0.72
CA PRO B 298 11.29 -24.00 0.30
C PRO B 298 12.53 -24.79 -0.19
N ASP B 299 12.29 -25.98 -0.79
CA ASP B 299 13.33 -26.93 -1.31
C ASP B 299 14.44 -26.18 -2.06
N GLY B 300 14.14 -25.03 -2.69
CA GLY B 300 15.05 -24.28 -3.57
C GLY B 300 14.98 -24.74 -5.03
N LYS B 301 14.23 -25.82 -5.31
CA LYS B 301 14.31 -26.59 -6.59
C LYS B 301 13.08 -26.37 -7.47
N THR B 302 11.94 -25.94 -6.94
CA THR B 302 10.66 -25.85 -7.68
C THR B 302 10.25 -24.39 -7.85
N VAL B 303 9.96 -23.98 -9.08
CA VAL B 303 9.41 -22.62 -9.30
C VAL B 303 8.24 -22.68 -10.28
N GLU B 304 7.23 -21.86 -10.03
CA GLU B 304 6.16 -21.50 -10.98
C GLU B 304 6.30 -20.00 -11.30
N ALA B 305 6.41 -19.65 -12.58
CA ALA B 305 6.47 -18.25 -13.04
C ALA B 305 5.16 -17.89 -13.75
N GLU B 306 4.70 -16.64 -13.57
CA GLU B 306 3.63 -16.06 -14.40
C GLU B 306 3.71 -14.53 -14.43
N ALA B 307 3.05 -13.92 -15.42
CA ALA B 307 2.71 -12.48 -15.43
C ALA B 307 1.83 -12.10 -14.22
N ALA B 308 2.17 -11.04 -13.50
CA ALA B 308 1.33 -10.41 -12.47
C ALA B 308 0.30 -9.51 -13.14
N HIS B 309 -0.62 -10.08 -13.92
CA HIS B 309 -1.83 -9.40 -14.47
C HIS B 309 -2.84 -10.48 -14.83
N GLY B 310 -4.02 -10.04 -15.27
CA GLY B 310 -5.13 -10.92 -15.65
C GLY B 310 -5.11 -11.25 -17.12
N THR B 311 -6.24 -11.75 -17.58
CA THR B 311 -6.53 -12.23 -18.94
C THR B 311 -6.78 -11.06 -19.91
N VAL B 312 -6.81 -9.82 -19.40
CA VAL B 312 -6.96 -8.61 -20.25
C VAL B 312 -8.25 -8.76 -21.07
N THR B 313 -9.38 -8.96 -20.37
CA THR B 313 -10.74 -9.12 -20.94
C THR B 313 -11.06 -8.00 -21.95
N ARG B 314 -10.95 -6.72 -21.59
CA ARG B 314 -11.28 -5.59 -22.50
C ARG B 314 -10.61 -5.86 -23.86
N HIS B 315 -9.32 -6.22 -23.90
CA HIS B 315 -8.64 -6.39 -25.21
C HIS B 315 -9.22 -7.61 -25.94
N TYR B 316 -9.57 -8.66 -25.22
CA TYR B 316 -10.21 -9.87 -25.79
C TYR B 316 -11.53 -9.44 -26.43
N ARG B 317 -12.28 -8.54 -25.79
CA ARG B 317 -13.59 -8.08 -26.33
C ARG B 317 -13.33 -7.41 -27.68
N MET B 318 -12.31 -6.56 -27.72
CA MET B 318 -11.92 -5.80 -28.91
C MET B 318 -11.56 -6.79 -30.02
N TYR B 319 -10.81 -7.83 -29.68
CA TYR B 319 -10.37 -8.89 -30.62
C TYR B 319 -11.60 -9.69 -31.11
N GLN B 320 -12.54 -10.05 -30.24
CA GLN B 320 -13.78 -10.76 -30.64
C GLN B 320 -14.59 -9.89 -31.63
N LYS B 321 -14.55 -8.57 -31.51
CA LYS B 321 -15.30 -7.61 -32.37
C LYS B 321 -14.44 -7.19 -33.57
N GLY B 322 -13.27 -7.78 -33.78
CA GLY B 322 -12.40 -7.46 -34.93
C GLY B 322 -11.67 -6.13 -34.78
N GLN B 323 -11.62 -5.52 -33.61
CA GLN B 323 -10.81 -4.27 -33.45
C GLN B 323 -9.32 -4.63 -33.29
N GLU B 324 -8.45 -3.74 -33.76
CA GLU B 324 -6.99 -3.84 -33.54
C GLU B 324 -6.75 -3.75 -32.03
N THR B 325 -5.93 -4.67 -31.51
CA THR B 325 -5.46 -4.73 -30.09
C THR B 325 -3.97 -4.41 -30.04
N SER B 326 -3.54 -3.74 -28.98
CA SER B 326 -2.11 -3.51 -28.66
C SER B 326 -1.86 -3.96 -27.21
N THR B 327 -1.73 -5.27 -27.01
CA THR B 327 -1.59 -5.92 -25.69
C THR B 327 -0.10 -6.19 -25.45
N ASN B 328 0.41 -5.79 -24.29
CA ASN B 328 1.83 -5.96 -23.90
C ASN B 328 2.08 -7.41 -23.50
N PRO B 329 2.90 -8.18 -24.25
CA PRO B 329 3.23 -9.55 -23.86
C PRO B 329 4.50 -9.73 -23.01
N ILE B 330 5.14 -8.62 -22.59
CA ILE B 330 6.46 -8.69 -21.90
C ILE B 330 6.33 -9.59 -20.66
N ALA B 331 5.32 -9.41 -19.81
CA ALA B 331 5.27 -10.14 -18.52
C ALA B 331 5.08 -11.63 -18.82
N SER B 332 4.35 -11.94 -19.87
CA SER B 332 4.08 -13.34 -20.30
C SER B 332 5.38 -13.96 -20.84
N ILE B 333 6.17 -13.18 -21.59
CA ILE B 333 7.49 -13.61 -22.12
C ILE B 333 8.46 -13.85 -20.96
N PHE B 334 8.47 -12.96 -19.96
CA PHE B 334 9.40 -13.06 -18.81
C PHE B 334 9.01 -14.24 -17.90
N ALA B 335 7.74 -14.65 -17.86
CA ALA B 335 7.33 -15.89 -17.17
C ALA B 335 8.04 -17.07 -17.84
N TRP B 336 8.05 -17.14 -19.17
CA TRP B 336 8.80 -18.19 -19.93
C TRP B 336 10.29 -18.08 -19.63
N THR B 337 10.90 -16.90 -19.74
CA THR B 337 12.37 -16.79 -19.60
C THR B 337 12.75 -17.14 -18.16
N ARG B 338 11.99 -16.70 -17.17
CA ARG B 338 12.32 -17.01 -15.76
C ARG B 338 12.24 -18.52 -15.56
N GLY B 339 11.18 -19.17 -16.06
CA GLY B 339 10.97 -20.63 -15.98
C GLY B 339 12.06 -21.39 -16.72
N LEU B 340 12.40 -20.97 -17.93
CA LEU B 340 13.47 -21.63 -18.72
C LEU B 340 14.83 -21.42 -18.02
N ALA B 341 15.06 -20.24 -17.41
CA ALA B 341 16.33 -19.91 -16.70
C ALA B 341 16.52 -20.89 -15.54
N HIS B 342 15.48 -21.11 -14.76
CA HIS B 342 15.50 -22.08 -13.66
C HIS B 342 15.70 -23.51 -14.19
N ARG B 343 15.00 -23.89 -15.27
CA ARG B 343 15.17 -25.22 -15.90
C ARG B 343 16.66 -25.44 -16.15
N ALA B 344 17.31 -24.42 -16.75
CA ALA B 344 18.71 -24.39 -17.16
C ALA B 344 19.65 -24.50 -15.96
N LYS B 345 19.35 -23.79 -14.87
CA LYS B 345 20.13 -23.92 -13.61
C LYS B 345 20.06 -25.36 -13.12
N LEU B 346 18.87 -25.97 -13.07
CA LEU B 346 18.74 -27.35 -12.57
C LEU B 346 19.56 -28.32 -13.44
N ASP B 347 19.51 -28.15 -14.76
CA ASP B 347 19.99 -29.18 -15.74
C ASP B 347 21.43 -28.87 -16.14
N ASN B 348 21.96 -27.77 -15.63
CA ASN B 348 23.31 -27.25 -15.99
C ASN B 348 23.42 -27.06 -17.50
N ASN B 349 22.45 -26.37 -18.11
CA ASN B 349 22.22 -26.28 -19.59
C ASN B 349 22.60 -24.87 -20.09
N LYS B 350 23.88 -24.67 -20.42
CA LYS B 350 24.47 -23.37 -20.86
C LYS B 350 23.67 -22.83 -22.06
N GLU B 351 23.30 -23.70 -23.01
CA GLU B 351 22.63 -23.25 -24.26
C GLU B 351 21.26 -22.66 -23.91
N LEU B 352 20.49 -23.31 -23.03
CA LEU B 352 19.15 -22.83 -22.62
C LEU B 352 19.27 -21.61 -21.70
N ALA B 353 20.27 -21.56 -20.82
CA ALA B 353 20.58 -20.40 -19.94
C ALA B 353 20.83 -19.19 -20.83
N PHE B 354 21.55 -19.42 -21.91
CA PHE B 354 21.92 -18.37 -22.88
C PHE B 354 20.65 -17.90 -23.58
N PHE B 355 19.86 -18.83 -24.12
CA PHE B 355 18.61 -18.53 -24.87
C PHE B 355 17.67 -17.66 -24.02
N ALA B 356 17.42 -18.09 -22.77
CA ALA B 356 16.54 -17.41 -21.81
C ALA B 356 16.96 -15.93 -21.65
N ASN B 357 18.25 -15.72 -21.41
CA ASN B 357 18.84 -14.38 -21.17
C ASN B 357 18.68 -13.56 -22.46
N ALA B 358 18.96 -14.19 -23.59
CA ALA B 358 18.97 -13.57 -24.92
C ALA B 358 17.58 -13.04 -25.26
N LEU B 359 16.53 -13.78 -24.87
CA LEU B 359 15.11 -13.37 -25.13
C LEU B 359 14.72 -12.19 -24.22
N GLU B 360 15.19 -12.14 -22.98
CA GLU B 360 14.89 -11.02 -22.04
C GLU B 360 15.51 -9.75 -22.63
N GLU B 361 16.73 -9.86 -23.15
CA GLU B 361 17.51 -8.71 -23.66
C GLU B 361 16.81 -8.21 -24.92
N VAL B 362 16.42 -9.14 -25.80
CA VAL B 362 15.75 -8.80 -27.09
C VAL B 362 14.50 -7.98 -26.77
N SER B 363 13.72 -8.45 -25.80
CA SER B 363 12.43 -7.83 -25.40
C SER B 363 12.69 -6.40 -24.94
N ILE B 364 13.54 -6.24 -23.93
CA ILE B 364 13.94 -4.91 -23.38
C ILE B 364 14.51 -4.06 -24.54
N GLU B 365 15.46 -4.60 -25.30
CA GLU B 365 16.17 -3.86 -26.39
C GLU B 365 15.14 -3.34 -27.40
N THR B 366 14.09 -4.12 -27.68
CA THR B 366 13.08 -3.78 -28.70
C THR B 366 12.31 -2.55 -28.21
N ILE B 367 11.92 -2.54 -26.95
CA ILE B 367 11.19 -1.38 -26.37
C ILE B 367 12.14 -0.17 -26.32
N GLU B 368 13.39 -0.36 -25.95
CA GLU B 368 14.35 0.78 -25.83
C GLU B 368 14.60 1.41 -27.21
N ALA B 369 14.46 0.64 -28.29
CA ALA B 369 14.64 1.11 -29.69
C ALA B 369 13.40 1.89 -30.16
N GLY B 370 12.35 1.96 -29.34
CA GLY B 370 11.13 2.74 -29.61
C GLY B 370 10.01 1.90 -30.23
N PHE B 371 10.17 0.57 -30.30
CA PHE B 371 9.08 -0.34 -30.78
C PHE B 371 8.32 -0.89 -29.56
N MET B 372 7.07 -0.49 -29.40
CA MET B 372 6.30 -0.85 -28.18
C MET B 372 4.80 -0.83 -28.49
N THR B 373 4.01 -1.40 -27.57
CA THR B 373 2.53 -1.42 -27.58
C THR B 373 1.99 -0.10 -27.03
N LYS B 374 0.69 0.14 -27.18
CA LYS B 374 0.03 1.45 -26.94
C LYS B 374 0.30 1.92 -25.52
N ASP B 375 0.04 1.05 -24.55
CA ASP B 375 0.07 1.38 -23.11
C ASP B 375 1.46 1.92 -22.77
N LEU B 376 2.51 1.33 -23.32
CA LEU B 376 3.91 1.79 -23.10
C LEU B 376 4.07 3.17 -23.72
N ALA B 377 3.58 3.36 -24.95
CA ALA B 377 3.70 4.64 -25.67
C ALA B 377 2.91 5.72 -24.94
N ALA B 378 1.80 5.33 -24.30
CA ALA B 378 0.94 6.21 -23.47
C ALA B 378 1.71 6.67 -22.23
N CYS B 379 2.48 5.76 -21.62
CA CYS B 379 3.33 6.04 -20.44
C CYS B 379 4.31 7.18 -20.74
N ILE B 380 5.01 7.09 -21.87
CA ILE B 380 5.99 8.11 -22.33
C ILE B 380 5.26 9.43 -22.60
N LYS B 381 4.20 9.42 -23.43
CA LYS B 381 3.67 10.63 -24.12
C LYS B 381 2.42 11.21 -23.42
N GLY B 382 1.67 10.39 -22.70
CA GLY B 382 0.27 10.66 -22.32
C GLY B 382 -0.68 10.12 -23.37
N LEU B 383 -1.78 9.47 -22.97
CA LEU B 383 -2.73 8.80 -23.92
C LEU B 383 -3.21 9.79 -24.98
N PRO B 384 -3.56 11.05 -24.62
CA PRO B 384 -4.06 12.03 -25.60
C PRO B 384 -3.12 12.36 -26.77
N ASN B 385 -1.81 12.35 -26.53
CA ASN B 385 -0.77 12.67 -27.54
C ASN B 385 -0.29 11.41 -28.25
N VAL B 386 -0.86 10.23 -27.97
CA VAL B 386 -0.46 8.96 -28.65
C VAL B 386 -1.15 8.96 -30.01
N GLN B 387 -0.35 8.79 -31.06
CA GLN B 387 -0.76 8.50 -32.46
C GLN B 387 -0.50 7.02 -32.75
N ARG B 388 -1.23 6.46 -33.72
CA ARG B 388 -1.03 5.10 -34.24
C ARG B 388 0.45 4.83 -34.56
N SER B 389 1.17 5.77 -35.20
CA SER B 389 2.61 5.61 -35.59
C SER B 389 3.56 5.50 -34.38
N ASP B 390 3.09 5.74 -33.15
CA ASP B 390 3.91 5.68 -31.91
C ASP B 390 4.00 4.26 -31.37
N TYR B 391 3.14 3.34 -31.82
CA TYR B 391 3.06 1.97 -31.24
C TYR B 391 2.84 0.90 -32.32
N LEU B 392 3.08 -0.35 -31.93
CA LEU B 392 2.77 -1.58 -32.72
C LEU B 392 1.56 -2.30 -32.11
N ASN B 393 0.78 -2.98 -32.94
CA ASN B 393 -0.35 -3.81 -32.43
C ASN B 393 0.25 -5.12 -31.90
N THR B 394 -0.58 -5.95 -31.28
CA THR B 394 -0.14 -7.22 -30.63
C THR B 394 0.77 -8.00 -31.60
N PHE B 395 0.34 -8.15 -32.86
CA PHE B 395 0.95 -9.06 -33.86
C PHE B 395 2.21 -8.41 -34.44
N GLU B 396 2.15 -7.10 -34.71
CA GLU B 396 3.32 -6.32 -35.20
C GLU B 396 4.43 -6.39 -34.15
N PHE B 397 4.08 -6.21 -32.87
CA PHE B 397 5.07 -6.26 -31.76
C PHE B 397 5.66 -7.68 -31.68
N MET B 398 4.85 -8.75 -31.71
CA MET B 398 5.38 -10.14 -31.61
C MET B 398 6.27 -10.43 -32.82
N ASP B 399 5.93 -9.93 -34.02
CA ASP B 399 6.73 -10.06 -35.27
C ASP B 399 8.11 -9.41 -35.07
N LYS B 400 8.16 -8.19 -34.54
CA LYS B 400 9.40 -7.40 -34.28
C LYS B 400 10.34 -8.17 -33.34
N LEU B 401 9.81 -8.65 -32.21
CA LEU B 401 10.58 -9.46 -31.22
C LEU B 401 11.16 -10.68 -31.93
N GLY B 402 10.32 -11.42 -32.67
CA GLY B 402 10.72 -12.64 -33.39
C GLY B 402 11.88 -12.34 -34.30
N GLU B 403 11.67 -11.41 -35.23
CA GLU B 403 12.68 -10.88 -36.19
C GLU B 403 13.97 -10.57 -35.41
N ASN B 404 13.88 -9.84 -34.29
CA ASN B 404 15.03 -9.35 -33.48
C ASN B 404 15.69 -10.49 -32.70
N LEU B 405 14.91 -11.47 -32.24
CA LEU B 405 15.41 -12.70 -31.59
C LEU B 405 16.19 -13.56 -32.61
N LYS B 406 15.70 -13.68 -33.85
CA LYS B 406 16.39 -14.43 -34.94
C LYS B 406 17.78 -13.83 -35.18
N ILE B 407 17.86 -12.51 -35.35
CA ILE B 407 19.14 -11.75 -35.52
C ILE B 407 20.10 -12.09 -34.37
N LYS B 408 19.75 -11.78 -33.11
CA LYS B 408 20.62 -11.96 -31.92
C LYS B 408 21.09 -13.42 -31.80
N LEU B 409 20.27 -14.41 -32.13
CA LEU B 409 20.67 -15.84 -31.97
C LEU B 409 21.56 -16.25 -33.16
N ALA B 410 21.37 -15.65 -34.34
CA ALA B 410 22.21 -15.89 -35.55
C ALA B 410 23.63 -15.38 -35.26
N GLN B 411 23.73 -14.21 -34.62
CA GLN B 411 24.98 -13.56 -34.16
C GLN B 411 25.47 -14.16 -32.82
N ALA B 412 25.04 -15.38 -32.48
CA ALA B 412 25.69 -16.24 -31.45
C ALA B 412 26.75 -17.10 -32.16
N LYS B 413 27.43 -16.51 -33.17
CA LYS B 413 28.71 -17.00 -33.77
C LYS B 413 29.60 -15.79 -34.12
N LEU B 414 29.42 -14.63 -33.44
CA LEU B 414 30.12 -13.34 -33.70
C LEU B 414 31.13 -13.04 -32.57
N SER B 415 30.69 -13.12 -31.31
CA SER B 415 31.51 -12.93 -30.08
C SER B 415 30.84 -13.64 -28.90
#